data_6LPD
#
_entry.id   6LPD
#
_cell.length_a   153.005
_cell.length_b   153.491
_cell.length_c   153.818
_cell.angle_alpha   90.000
_cell.angle_beta   90.000
_cell.angle_gamma   90.000
#
_symmetry.space_group_name_H-M   'I 2 2 2'
#
loop_
_entity.id
_entity.type
_entity.pdbx_description
1 polymer Ferritin
2 non-polymer 'FE (II) ION'
3 non-polymer 'FE (III) ION'
4 water water
#
_entity_poly.entity_id   1
_entity_poly.type   'polypeptide(L)'
_entity_poly.pdbx_seq_one_letter_code
;MSLSRPRQNYHTESESAVNKQINLELYASYVYQSMSRYFNRDDVALKGFHKYFKKASEEERQHAEKLMEYQSTRGGRIML
SDIKRPENDEWGTGLEAMETALNLEKNVNQSLLDLHKTAEKHVDAQMQDFIEENFLREQVESIKEISDHITNLKRVGPGL
GEYMFDKNLSEELQ
;
_entity_poly.pdbx_strand_id   A,B,C,D,E,F
#
loop_
_chem_comp.id
_chem_comp.type
_chem_comp.name
_chem_comp.formula
FE non-polymer 'FE (III) ION' 'Fe 3'
FE2 non-polymer 'FE (II) ION' 'Fe 2'
#
# COMPACT_ATOMS: atom_id res chain seq x y z
N SER A 2 4.94 -56.12 0.26
CA SER A 2 4.00 -55.63 1.38
C SER A 2 3.13 -54.46 1.01
N LEU A 3 1.86 -54.66 1.26
CA LEU A 3 0.98 -53.66 0.96
C LEU A 3 0.97 -52.57 2.06
N SER A 4 0.49 -51.38 1.66
CA SER A 4 0.27 -50.34 2.59
C SER A 4 -0.88 -50.73 3.58
N ARG A 5 -0.74 -50.15 4.79
CA ARG A 5 -1.63 -50.56 5.89
C ARG A 5 -3.15 -50.48 5.63
N PRO A 6 -3.60 -49.39 4.91
CA PRO A 6 -5.03 -49.33 4.71
C PRO A 6 -5.54 -50.20 3.55
N ARG A 7 -4.64 -50.51 2.62
CA ARG A 7 -4.99 -51.26 1.41
C ARG A 7 -5.97 -52.43 1.57
N GLN A 8 -7.08 -52.37 0.83
CA GLN A 8 -8.02 -53.47 0.87
C GLN A 8 -8.89 -53.45 -0.38
N ASN A 9 -8.88 -54.48 -1.19
CA ASN A 9 -9.69 -54.51 -2.39
C ASN A 9 -9.36 -53.41 -3.38
N TYR A 10 -8.08 -52.99 -3.45
CA TYR A 10 -7.67 -51.86 -4.30
C TYR A 10 -6.57 -52.35 -5.26
N HIS A 11 -7.02 -52.56 -6.53
CA HIS A 11 -6.10 -53.24 -7.47
C HIS A 11 -5.01 -52.19 -7.98
N THR A 12 -3.87 -52.74 -8.38
N THR A 12 -3.90 -52.75 -8.42
CA THR A 12 -2.87 -51.91 -8.90
CA THR A 12 -2.85 -51.98 -8.99
C THR A 12 -3.25 -51.19 -10.15
C THR A 12 -3.30 -51.31 -10.28
N GLU A 13 -4.16 -51.85 -10.99
CA GLU A 13 -4.60 -51.22 -12.22
C GLU A 13 -5.44 -50.00 -11.86
N SER A 14 -6.26 -50.12 -10.83
CA SER A 14 -7.02 -48.95 -10.39
C SER A 14 -6.19 -47.80 -9.89
N GLU A 15 -5.18 -48.15 -9.11
CA GLU A 15 -4.21 -47.16 -8.58
C GLU A 15 -3.51 -46.39 -9.79
N SER A 16 -3.09 -47.19 -10.79
N SER A 16 -3.02 -47.12 -10.79
N SER A 16 -3.03 -47.14 -10.77
CA SER A 16 -2.47 -46.63 -11.94
CA SER A 16 -2.37 -46.43 -11.91
CA SER A 16 -2.37 -46.47 -11.87
C SER A 16 -3.39 -45.65 -12.66
C SER A 16 -3.39 -45.62 -12.74
C SER A 16 -3.37 -45.66 -12.75
N ALA A 17 -4.59 -46.17 -12.95
CA ALA A 17 -5.56 -45.43 -13.68
C ALA A 17 -5.92 -44.08 -12.95
N VAL A 18 -5.99 -44.12 -11.61
CA VAL A 18 -6.22 -42.91 -10.80
C VAL A 18 -5.12 -41.87 -11.01
N ASN A 19 -3.85 -42.31 -11.07
CA ASN A 19 -2.74 -41.40 -11.37
C ASN A 19 -2.87 -40.80 -12.70
N LYS A 20 -3.29 -41.62 -13.72
CA LYS A 20 -3.44 -41.09 -15.09
CA LYS A 20 -3.45 -41.09 -15.10
C LYS A 20 -4.58 -40.03 -15.07
N GLN A 21 -5.68 -40.33 -14.35
CA GLN A 21 -6.79 -39.40 -14.33
C GLN A 21 -6.42 -38.06 -13.61
N ILE A 22 -5.59 -38.16 -12.61
CA ILE A 22 -5.05 -36.97 -11.94
C ILE A 22 -4.34 -36.03 -12.98
N ASN A 23 -3.45 -36.67 -13.76
CA ASN A 23 -2.79 -35.89 -14.75
C ASN A 23 -3.74 -35.24 -15.79
N LEU A 24 -4.67 -36.05 -16.28
CA LEU A 24 -5.68 -35.53 -17.20
C LEU A 24 -6.44 -34.33 -16.69
N GLU A 25 -6.83 -34.38 -15.43
N GLU A 25 -6.85 -34.40 -15.43
CA GLU A 25 -7.59 -33.27 -14.86
CA GLU A 25 -7.59 -33.31 -14.81
C GLU A 25 -6.72 -32.04 -14.70
C GLU A 25 -6.70 -32.08 -14.76
N LEU A 26 -5.48 -32.25 -14.25
CA LEU A 26 -4.54 -31.16 -14.16
C LEU A 26 -4.28 -30.50 -15.54
N TYR A 27 -4.17 -31.36 -16.59
CA TYR A 27 -4.01 -30.87 -17.89
C TYR A 27 -5.26 -30.05 -18.36
N ALA A 28 -6.41 -30.58 -18.05
CA ALA A 28 -7.64 -29.89 -18.40
C ALA A 28 -7.75 -28.52 -17.67
N SER A 29 -7.34 -28.50 -16.40
CA SER A 29 -7.31 -27.24 -15.68
C SER A 29 -6.39 -26.21 -16.36
N TYR A 30 -5.27 -26.67 -16.89
CA TYR A 30 -4.30 -25.80 -17.54
C TYR A 30 -4.82 -25.29 -18.87
N VAL A 31 -5.50 -26.18 -19.59
CA VAL A 31 -6.18 -25.69 -20.81
C VAL A 31 -7.19 -24.61 -20.52
N TYR A 32 -8.02 -24.82 -19.55
CA TYR A 32 -8.99 -23.80 -19.23
C TYR A 32 -8.35 -22.54 -18.70
N GLN A 33 -7.25 -22.68 -17.97
N GLN A 33 -7.25 -22.64 -17.96
CA GLN A 33 -6.48 -21.49 -17.48
CA GLN A 33 -6.59 -21.39 -17.53
C GLN A 33 -5.97 -20.62 -18.68
C GLN A 33 -6.06 -20.59 -18.75
N SER A 34 -5.45 -21.30 -19.69
CA SER A 34 -5.01 -20.64 -20.93
C SER A 34 -6.19 -19.96 -21.65
N MET A 35 -7.30 -20.65 -21.75
CA MET A 35 -8.49 -20.07 -22.39
C MET A 35 -8.99 -18.84 -21.63
N SER A 36 -9.08 -18.97 -20.33
CA SER A 36 -9.43 -17.88 -19.46
C SER A 36 -8.61 -16.62 -19.66
N ARG A 37 -7.31 -16.76 -19.61
CA ARG A 37 -6.46 -15.62 -19.70
C ARG A 37 -6.50 -15.02 -21.11
N TYR A 38 -6.61 -15.86 -22.14
CA TYR A 38 -6.79 -15.35 -23.53
C TYR A 38 -7.99 -14.39 -23.66
N PHE A 39 -9.10 -14.72 -23.00
CA PHE A 39 -10.31 -13.86 -23.17
C PHE A 39 -10.15 -12.52 -22.39
N ASN A 40 -9.12 -12.34 -21.53
CA ASN A 40 -8.87 -11.04 -21.00
C ASN A 40 -7.76 -10.22 -21.75
N ARG A 41 -7.25 -10.77 -22.84
CA ARG A 41 -6.39 -9.95 -23.68
C ARG A 41 -7.09 -8.70 -24.11
N ASP A 42 -6.32 -7.61 -24.30
CA ASP A 42 -6.91 -6.33 -24.71
C ASP A 42 -7.64 -6.44 -26.08
N ASP A 43 -7.17 -7.33 -26.95
CA ASP A 43 -7.65 -7.46 -28.27
C ASP A 43 -8.69 -8.59 -28.37
N VAL A 44 -9.18 -9.10 -27.25
CA VAL A 44 -10.20 -10.14 -27.15
C VAL A 44 -11.30 -9.60 -26.23
N ALA A 45 -11.00 -9.32 -24.97
CA ALA A 45 -11.79 -8.43 -24.11
C ALA A 45 -13.22 -8.99 -23.95
N LEU A 46 -13.36 -10.25 -23.52
CA LEU A 46 -14.68 -10.85 -23.24
C LEU A 46 -14.66 -11.38 -21.83
N LYS A 47 -15.04 -10.53 -20.83
CA LYS A 47 -14.87 -10.88 -19.43
C LYS A 47 -15.79 -11.96 -18.99
N GLY A 48 -16.92 -12.19 -19.65
CA GLY A 48 -17.75 -13.31 -19.32
C GLY A 48 -17.14 -14.68 -19.63
N PHE A 49 -16.58 -14.75 -20.82
CA PHE A 49 -15.82 -15.94 -21.21
C PHE A 49 -14.58 -16.08 -20.26
N HIS A 50 -13.92 -14.98 -19.95
CA HIS A 50 -12.81 -15.04 -18.99
C HIS A 50 -13.23 -15.77 -17.70
N LYS A 51 -14.35 -15.26 -17.13
CA LYS A 51 -14.89 -15.82 -15.92
C LYS A 51 -15.31 -17.26 -15.98
N TYR A 52 -16.00 -17.58 -17.06
CA TYR A 52 -16.51 -18.92 -17.26
C TYR A 52 -15.36 -19.93 -17.27
N PHE A 53 -14.30 -19.62 -18.01
CA PHE A 53 -13.21 -20.61 -18.10
C PHE A 53 -12.31 -20.55 -16.84
N LYS A 54 -12.29 -19.41 -16.13
CA LYS A 54 -11.61 -19.43 -14.85
C LYS A 54 -12.26 -20.43 -13.91
N LYS A 55 -13.59 -20.38 -13.81
CA LYS A 55 -14.33 -21.34 -12.99
C LYS A 55 -14.05 -22.78 -13.45
N ALA A 56 -14.10 -23.04 -14.76
CA ALA A 56 -13.79 -24.36 -15.29
C ALA A 56 -12.42 -24.84 -14.84
N SER A 57 -11.45 -23.96 -14.94
CA SER A 57 -10.06 -24.25 -14.52
C SER A 57 -9.90 -24.64 -13.06
N GLU A 58 -10.61 -23.88 -12.24
CA GLU A 58 -10.64 -24.18 -10.82
C GLU A 58 -11.33 -25.52 -10.51
N GLU A 59 -12.46 -25.78 -11.16
CA GLU A 59 -13.19 -27.01 -10.96
C GLU A 59 -12.33 -28.23 -11.33
N GLU A 60 -11.65 -28.13 -12.44
CA GLU A 60 -10.80 -29.25 -12.86
C GLU A 60 -9.67 -29.52 -11.85
N ARG A 61 -9.05 -28.46 -11.38
CA ARG A 61 -8.03 -28.58 -10.35
C ARG A 61 -8.61 -29.32 -9.12
N GLN A 62 -9.83 -28.85 -8.67
CA GLN A 62 -10.45 -29.50 -7.55
C GLN A 62 -10.68 -30.96 -7.75
N HIS A 63 -11.18 -31.34 -8.95
CA HIS A 63 -11.41 -32.76 -9.22
CA HIS A 63 -11.39 -32.77 -9.39
C HIS A 63 -10.04 -33.53 -9.21
N ALA A 64 -8.94 -32.96 -9.74
CA ALA A 64 -7.66 -33.61 -9.62
C ALA A 64 -7.24 -33.87 -8.16
N GLU A 65 -7.45 -32.86 -7.33
CA GLU A 65 -7.11 -32.95 -5.89
CA GLU A 65 -7.11 -32.94 -5.91
C GLU A 65 -8.02 -33.94 -5.16
N LYS A 66 -9.28 -34.07 -5.59
CA LYS A 66 -10.16 -35.09 -5.01
C LYS A 66 -9.58 -36.49 -5.29
N LEU A 67 -9.08 -36.66 -6.53
CA LEU A 67 -8.44 -37.94 -6.90
C LEU A 67 -7.15 -38.22 -6.13
N MET A 68 -6.37 -37.18 -5.90
CA MET A 68 -5.17 -37.26 -5.11
C MET A 68 -5.51 -37.82 -3.68
N GLU A 69 -6.49 -37.18 -3.08
CA GLU A 69 -6.91 -37.60 -1.75
C GLU A 69 -7.42 -39.02 -1.75
N TYR A 70 -8.21 -39.35 -2.74
CA TYR A 70 -8.77 -40.70 -2.83
C TYR A 70 -7.65 -41.75 -2.92
N GLN A 71 -6.64 -41.49 -3.77
CA GLN A 71 -5.51 -42.41 -3.88
C GLN A 71 -4.89 -42.73 -2.52
N SER A 72 -4.58 -41.68 -1.75
CA SER A 72 -3.97 -41.90 -0.47
C SER A 72 -4.95 -42.57 0.52
N THR A 73 -6.22 -42.18 0.46
CA THR A 73 -7.23 -42.85 1.33
C THR A 73 -7.24 -44.37 1.17
N ARG A 74 -7.20 -44.81 -0.14
CA ARG A 74 -7.25 -46.25 -0.46
C ARG A 74 -5.90 -46.91 -0.15
N GLY A 75 -4.84 -46.17 0.14
CA GLY A 75 -3.52 -46.78 0.31
C GLY A 75 -2.63 -46.89 -0.91
N GLY A 76 -3.12 -46.25 -2.01
CA GLY A 76 -2.32 -46.07 -3.19
C GLY A 76 -1.33 -44.99 -3.05
N ARG A 77 -0.45 -44.78 -4.05
CA ARG A 77 0.61 -43.83 -3.96
C ARG A 77 0.55 -42.88 -5.14
N ILE A 78 0.35 -41.62 -4.88
CA ILE A 78 0.30 -40.63 -5.91
C ILE A 78 1.59 -40.53 -6.72
N MET A 79 1.46 -40.59 -8.08
CA MET A 79 2.71 -40.51 -8.91
C MET A 79 2.31 -39.36 -9.86
N LEU A 80 3.06 -38.27 -9.83
CA LEU A 80 2.81 -37.08 -10.67
C LEU A 80 3.71 -37.17 -11.91
N SER A 81 3.15 -36.61 -13.00
CA SER A 81 3.88 -36.47 -14.26
CA SER A 81 3.95 -36.45 -14.23
C SER A 81 3.84 -35.02 -14.73
N ASP A 82 4.64 -34.69 -15.74
CA ASP A 82 4.61 -33.35 -16.32
C ASP A 82 3.10 -33.01 -16.72
N ILE A 83 2.75 -31.76 -16.50
CA ILE A 83 1.49 -31.26 -16.98
C ILE A 83 1.78 -30.55 -18.34
N LYS A 84 1.36 -31.21 -19.41
N LYS A 84 1.47 -31.27 -19.42
CA LYS A 84 1.71 -30.70 -20.70
CA LYS A 84 1.76 -30.75 -20.76
C LYS A 84 0.99 -29.38 -21.01
C LYS A 84 1.00 -29.42 -21.03
N ARG A 85 1.66 -28.57 -21.81
CA ARG A 85 1.11 -27.28 -22.20
C ARG A 85 0.06 -27.50 -23.28
N PRO A 86 -1.01 -26.72 -23.21
CA PRO A 86 -2.14 -26.82 -24.19
C PRO A 86 -1.71 -26.79 -25.63
N GLU A 87 -2.61 -27.24 -26.49
CA GLU A 87 -2.32 -27.35 -27.94
C GLU A 87 -2.18 -26.02 -28.62
N ASN A 88 -2.84 -25.00 -28.07
CA ASN A 88 -2.83 -23.69 -28.66
CA ASN A 88 -2.93 -23.64 -28.67
C ASN A 88 -2.40 -22.62 -27.64
N ASP A 89 -1.94 -21.50 -28.14
CA ASP A 89 -1.69 -20.29 -27.40
C ASP A 89 -2.91 -19.39 -27.36
N GLU A 90 -3.73 -19.43 -28.41
CA GLU A 90 -4.87 -18.54 -28.55
CA GLU A 90 -4.85 -18.49 -28.71
C GLU A 90 -6.08 -19.39 -29.03
N TRP A 91 -7.30 -18.91 -28.76
CA TRP A 91 -8.44 -19.80 -28.76
C TRP A 91 -9.68 -19.29 -29.56
N GLY A 92 -9.47 -18.25 -30.38
CA GLY A 92 -10.43 -17.85 -31.38
C GLY A 92 -11.62 -17.09 -30.75
N THR A 93 -12.79 -17.30 -31.30
CA THR A 93 -13.96 -16.61 -30.87
C THR A 93 -14.54 -17.36 -29.64
N GLY A 94 -15.61 -16.73 -29.06
CA GLY A 94 -16.33 -17.39 -27.99
C GLY A 94 -16.84 -18.73 -28.41
N LEU A 95 -17.49 -18.78 -29.59
CA LEU A 95 -18.00 -20.02 -30.12
C LEU A 95 -16.89 -21.09 -30.32
N GLU A 96 -15.75 -20.68 -30.92
CA GLU A 96 -14.66 -21.65 -31.09
CA GLU A 96 -14.64 -21.66 -31.07
C GLU A 96 -14.21 -22.22 -29.74
N ALA A 97 -14.06 -21.34 -28.76
CA ALA A 97 -13.56 -21.81 -27.50
C ALA A 97 -14.59 -22.74 -26.81
N MET A 98 -15.90 -22.47 -26.93
CA MET A 98 -16.91 -23.37 -26.41
C MET A 98 -16.89 -24.75 -27.09
N GLU A 99 -16.64 -24.75 -28.40
CA GLU A 99 -16.43 -26.05 -29.13
C GLU A 99 -15.18 -26.78 -28.58
N THR A 100 -14.12 -26.04 -28.38
CA THR A 100 -12.87 -26.64 -27.72
C THR A 100 -13.19 -27.24 -26.37
N ALA A 101 -13.94 -26.47 -25.54
CA ALA A 101 -14.32 -26.91 -24.21
C ALA A 101 -15.14 -28.18 -24.28
N LEU A 102 -16.13 -28.25 -25.16
CA LEU A 102 -16.96 -29.47 -25.28
C LEU A 102 -16.13 -30.72 -25.60
N ASN A 103 -15.14 -30.53 -26.50
CA ASN A 103 -14.31 -31.66 -26.86
CA ASN A 103 -14.26 -31.64 -26.89
CA ASN A 103 -14.32 -31.67 -26.86
C ASN A 103 -13.45 -32.11 -25.68
N LEU A 104 -12.96 -31.15 -24.89
CA LEU A 104 -12.17 -31.46 -23.71
C LEU A 104 -13.01 -32.23 -22.68
N GLU A 105 -14.26 -31.71 -22.47
CA GLU A 105 -15.17 -32.33 -21.53
C GLU A 105 -15.49 -33.76 -21.91
N LYS A 106 -15.74 -33.98 -23.18
CA LYS A 106 -16.06 -35.32 -23.61
C LYS A 106 -14.86 -36.25 -23.48
N ASN A 107 -13.68 -35.76 -23.73
CA ASN A 107 -12.46 -36.56 -23.55
C ASN A 107 -12.21 -36.97 -22.05
N VAL A 108 -12.46 -36.00 -21.13
CA VAL A 108 -12.35 -36.26 -19.78
C VAL A 108 -13.48 -37.22 -19.35
N ASN A 109 -14.70 -37.06 -19.90
CA ASN A 109 -15.79 -37.95 -19.52
C ASN A 109 -15.48 -39.42 -19.95
N GLN A 110 -14.91 -39.58 -21.14
CA GLN A 110 -14.57 -40.95 -21.60
C GLN A 110 -13.54 -41.56 -20.68
N SER A 111 -12.58 -40.77 -20.28
CA SER A 111 -11.54 -41.22 -19.35
CA SER A 111 -11.55 -41.26 -19.37
C SER A 111 -12.20 -41.70 -18.04
N LEU A 112 -13.16 -40.89 -17.54
CA LEU A 112 -13.90 -41.29 -16.35
C LEU A 112 -14.67 -42.54 -16.45
N LEU A 113 -15.40 -42.68 -17.59
CA LEU A 113 -16.06 -43.91 -17.88
C LEU A 113 -15.15 -45.12 -17.94
N ASP A 114 -13.97 -44.94 -18.49
CA ASP A 114 -12.97 -46.02 -18.55
C ASP A 114 -12.43 -46.38 -17.14
N LEU A 115 -12.26 -45.34 -16.29
CA LEU A 115 -11.80 -45.52 -14.95
C LEU A 115 -12.85 -46.29 -14.13
N HIS A 116 -14.18 -45.97 -14.38
CA HIS A 116 -15.25 -46.76 -13.81
C HIS A 116 -15.25 -48.21 -14.21
N LYS A 117 -15.04 -48.38 -15.51
CA LYS A 117 -14.87 -49.79 -16.06
CA LYS A 117 -14.86 -49.74 -16.11
C LYS A 117 -13.70 -50.67 -15.47
N THR A 118 -12.68 -49.89 -15.12
CA THR A 118 -11.53 -50.49 -14.37
C THR A 118 -12.00 -50.96 -12.99
N ALA A 119 -12.64 -50.03 -12.28
CA ALA A 119 -13.10 -50.32 -10.97
C ALA A 119 -14.10 -51.48 -10.96
N GLU A 120 -14.97 -51.51 -11.96
CA GLU A 120 -15.93 -52.58 -12.07
C GLU A 120 -15.28 -53.96 -12.33
N LYS A 121 -14.31 -53.96 -13.23
CA LYS A 121 -13.58 -55.21 -13.60
C LYS A 121 -12.96 -55.84 -12.35
N HIS A 122 -12.43 -54.95 -11.48
CA HIS A 122 -11.79 -55.42 -10.25
C HIS A 122 -12.72 -55.51 -9.01
N VAL A 123 -13.99 -55.40 -9.28
CA VAL A 123 -15.04 -55.65 -8.28
C VAL A 123 -14.71 -54.63 -7.10
N ASP A 124 -14.52 -53.35 -7.44
CA ASP A 124 -14.23 -52.32 -6.45
C ASP A 124 -15.48 -51.48 -6.36
N ALA A 125 -16.42 -51.97 -5.56
CA ALA A 125 -17.68 -51.31 -5.41
C ALA A 125 -17.61 -49.87 -4.82
N GLN A 126 -16.70 -49.69 -3.89
CA GLN A 126 -16.54 -48.39 -3.30
C GLN A 126 -16.01 -47.34 -4.35
N MET A 127 -15.03 -47.77 -5.15
CA MET A 127 -14.50 -46.89 -6.17
C MET A 127 -15.57 -46.53 -7.20
N GLN A 128 -16.36 -47.49 -7.69
N GLN A 128 -16.40 -47.50 -7.57
CA GLN A 128 -17.38 -47.20 -8.70
CA GLN A 128 -17.57 -47.25 -8.37
C GLN A 128 -18.26 -46.05 -8.24
C GLN A 128 -18.40 -46.14 -7.75
N ASP A 129 -18.72 -46.17 -7.00
N ASP A 129 -18.76 -46.27 -6.48
CA ASP A 129 -19.56 -45.16 -6.39
CA ASP A 129 -19.60 -45.26 -5.82
C ASP A 129 -18.81 -43.83 -6.36
C ASP A 129 -18.98 -43.85 -5.79
N PHE A 130 -17.67 -43.83 -5.69
CA PHE A 130 -16.83 -42.62 -5.60
C PHE A 130 -16.83 -41.89 -6.94
N ILE A 131 -16.67 -42.66 -8.03
CA ILE A 131 -16.58 -42.02 -9.37
C ILE A 131 -17.97 -41.47 -9.79
N GLU A 132 -19.02 -42.26 -9.49
CA GLU A 132 -20.37 -41.93 -9.97
C GLU A 132 -20.79 -40.59 -9.29
N GLU A 133 -20.60 -40.57 -8.01
CA GLU A 133 -21.03 -39.42 -7.25
C GLU A 133 -20.24 -38.14 -7.46
N ASN A 134 -18.94 -38.29 -7.50
CA ASN A 134 -18.12 -37.14 -7.53
C ASN A 134 -17.69 -36.62 -8.86
N PHE A 135 -17.82 -37.48 -9.90
N PHE A 135 -18.01 -37.35 -9.94
CA PHE A 135 -17.36 -37.17 -11.24
CA PHE A 135 -17.57 -36.91 -11.25
C PHE A 135 -18.49 -37.22 -12.32
C PHE A 135 -18.47 -37.23 -12.44
N LEU A 136 -19.16 -38.37 -12.45
CA LEU A 136 -19.97 -38.66 -13.61
C LEU A 136 -21.16 -37.72 -13.74
N ARG A 137 -21.80 -37.40 -12.62
CA ARG A 137 -22.94 -36.50 -12.66
C ARG A 137 -22.58 -35.15 -13.22
N GLU A 138 -21.57 -34.55 -12.58
N GLU A 138 -21.54 -34.56 -12.65
CA GLU A 138 -21.09 -33.24 -13.00
CA GLU A 138 -21.08 -33.23 -13.09
C GLU A 138 -20.75 -33.19 -14.49
C GLU A 138 -20.74 -33.19 -14.55
N GLN A 139 -20.11 -34.27 -15.02
CA GLN A 139 -19.62 -34.21 -16.39
C GLN A 139 -20.84 -34.21 -17.34
N VAL A 140 -21.94 -34.94 -17.07
N VAL A 140 -21.90 -34.99 -17.05
CA VAL A 140 -23.07 -34.84 -18.00
CA VAL A 140 -23.08 -35.03 -17.91
C VAL A 140 -23.74 -33.48 -17.89
C VAL A 140 -23.71 -33.65 -17.96
N GLU A 141 -23.70 -32.86 -16.69
N GLU A 141 -23.86 -33.04 -16.75
CA GLU A 141 -24.16 -31.47 -16.63
CA GLU A 141 -24.47 -31.71 -16.64
C GLU A 141 -23.32 -30.48 -17.49
C GLU A 141 -23.77 -30.60 -17.47
N SER A 142 -22.00 -30.53 -17.39
N SER A 142 -22.44 -30.65 -17.40
N SER A 142 -22.39 -30.83 -17.33
CA SER A 142 -21.14 -29.63 -18.16
CA SER A 142 -21.58 -29.68 -18.10
CA SER A 142 -21.43 -29.93 -18.01
C SER A 142 -21.35 -29.87 -19.67
C SER A 142 -21.52 -29.89 -19.60
C SER A 142 -21.57 -29.94 -19.51
N ILE A 143 -21.49 -31.15 -20.04
CA ILE A 143 -21.62 -31.44 -21.49
C ILE A 143 -22.92 -30.83 -22.05
N LYS A 144 -24.00 -30.99 -21.29
CA LYS A 144 -25.29 -30.41 -21.66
C LYS A 144 -25.24 -28.86 -21.70
N GLU A 145 -24.68 -28.22 -20.67
N GLU A 145 -24.69 -28.28 -20.64
CA GLU A 145 -24.61 -26.77 -20.62
CA GLU A 145 -24.51 -26.85 -20.49
C GLU A 145 -23.77 -26.20 -21.75
C GLU A 145 -23.72 -26.18 -21.62
N ILE A 146 -22.61 -26.80 -22.00
CA ILE A 146 -21.73 -26.28 -23.08
C ILE A 146 -22.48 -26.44 -24.41
N SER A 147 -23.19 -27.55 -24.61
CA SER A 147 -23.97 -27.79 -25.84
C SER A 147 -25.02 -26.72 -26.00
N ASP A 148 -25.69 -26.37 -24.90
CA ASP A 148 -26.67 -25.26 -24.95
C ASP A 148 -25.98 -23.92 -25.35
N HIS A 149 -24.80 -23.64 -24.78
CA HIS A 149 -24.07 -22.45 -25.08
C HIS A 149 -23.67 -22.40 -26.55
N ILE A 150 -23.28 -23.54 -27.14
CA ILE A 150 -22.89 -23.53 -28.54
C ILE A 150 -24.11 -23.17 -29.45
N THR A 151 -25.28 -23.74 -29.11
CA THR A 151 -26.53 -23.42 -29.85
C THR A 151 -26.80 -21.93 -29.77
N ASN A 152 -26.68 -21.36 -28.57
CA ASN A 152 -26.95 -19.96 -28.45
C ASN A 152 -25.90 -19.04 -29.08
N LEU A 153 -24.62 -19.44 -29.07
CA LEU A 153 -23.59 -18.68 -29.74
C LEU A 153 -23.84 -18.68 -31.24
N LYS A 154 -24.29 -19.78 -31.81
CA LYS A 154 -24.68 -19.79 -33.20
C LYS A 154 -25.90 -18.93 -33.50
N ARG A 155 -26.88 -18.98 -32.59
CA ARG A 155 -28.12 -18.20 -32.70
C ARG A 155 -27.84 -16.71 -32.75
N VAL A 156 -26.97 -16.22 -31.83
CA VAL A 156 -26.73 -14.78 -31.73
C VAL A 156 -25.84 -14.21 -32.82
N GLY A 157 -24.97 -15.04 -33.33
CA GLY A 157 -23.96 -14.60 -34.32
C GLY A 157 -22.82 -13.81 -33.82
N PRO A 158 -21.93 -13.39 -34.73
CA PRO A 158 -20.74 -12.63 -34.35
C PRO A 158 -21.10 -11.18 -33.98
N GLY A 159 -20.17 -10.49 -33.39
CA GLY A 159 -20.27 -9.03 -33.16
C GLY A 159 -21.12 -8.75 -31.95
N LEU A 160 -22.20 -7.95 -32.11
CA LEU A 160 -23.07 -7.62 -31.01
C LEU A 160 -23.64 -8.87 -30.34
N GLY A 161 -23.94 -9.93 -31.13
CA GLY A 161 -24.51 -11.10 -30.51
C GLY A 161 -23.51 -11.69 -29.50
N GLU A 162 -22.27 -11.85 -29.93
CA GLU A 162 -21.24 -12.34 -29.02
C GLU A 162 -21.09 -11.51 -27.73
N TYR A 163 -21.08 -10.22 -27.94
CA TYR A 163 -21.03 -9.26 -26.84
C TYR A 163 -22.18 -9.49 -25.86
N MET A 164 -23.39 -9.64 -26.38
CA MET A 164 -24.50 -9.82 -25.48
C MET A 164 -24.54 -11.19 -24.77
N PHE A 165 -24.09 -12.25 -25.49
CA PHE A 165 -24.00 -13.53 -24.85
C PHE A 165 -22.93 -13.45 -23.67
N ASP A 166 -21.82 -12.78 -23.93
CA ASP A 166 -20.74 -12.64 -22.94
C ASP A 166 -21.28 -11.91 -21.70
N LYS A 167 -22.06 -10.87 -21.93
CA LYS A 167 -22.69 -10.15 -20.76
C LYS A 167 -23.53 -11.05 -19.89
N ASN A 168 -24.33 -11.90 -20.55
CA ASN A 168 -25.13 -12.86 -19.81
C ASN A 168 -24.33 -13.91 -19.12
N LEU A 169 -23.17 -14.24 -19.65
CA LEU A 169 -22.28 -15.20 -19.02
C LEU A 169 -21.78 -14.58 -17.71
N SER A 170 -21.46 -13.29 -17.76
CA SER A 170 -21.01 -12.56 -16.58
C SER A 170 -22.07 -12.52 -15.49
N GLU A 171 -23.29 -12.31 -15.97
CA GLU A 171 -24.56 -12.26 -15.25
C GLU A 171 -25.02 -10.92 -14.89
N SER B 2 18.41 31.69 -0.65
CA SER B 2 18.04 30.75 0.44
C SER B 2 17.06 29.68 -0.15
N LEU B 3 17.28 28.44 0.21
CA LEU B 3 16.34 27.44 -0.04
C LEU B 3 15.20 27.57 0.96
N SER B 4 14.02 27.09 0.58
CA SER B 4 12.92 26.99 1.46
C SER B 4 13.19 26.01 2.57
N ARG B 5 12.55 26.28 3.69
CA ARG B 5 12.87 25.55 4.93
C ARG B 5 12.80 24.01 4.87
N PRO B 6 11.76 23.44 4.18
CA PRO B 6 11.68 21.96 4.12
C PRO B 6 12.66 21.35 3.11
N ARG B 7 13.02 22.11 2.09
CA ARG B 7 13.86 21.65 0.98
C ARG B 7 14.99 20.70 1.34
N GLN B 8 14.97 19.49 0.78
CA GLN B 8 16.08 18.57 1.06
C GLN B 8 16.09 17.53 -0.11
N ASN B 9 17.20 17.41 -0.83
CA ASN B 9 17.29 16.45 -1.91
C ASN B 9 16.26 16.61 -3.02
N TYR B 10 15.87 17.87 -3.24
CA TYR B 10 14.83 18.16 -4.22
C TYR B 10 15.35 19.16 -5.32
N HIS B 11 15.67 18.56 -6.47
CA HIS B 11 16.41 19.34 -7.50
C HIS B 11 15.44 20.38 -8.18
N THR B 12 16.04 21.43 -8.71
N THR B 12 16.02 21.52 -8.54
CA THR B 12 15.26 22.35 -9.52
CA THR B 12 15.33 22.57 -9.26
C THR B 12 14.68 21.72 -10.76
C THR B 12 14.61 22.06 -10.52
N GLU B 13 15.37 20.77 -11.37
N GLU B 13 15.29 21.19 -11.26
CA GLU B 13 14.74 20.17 -12.51
CA GLU B 13 14.65 20.47 -12.33
C GLU B 13 13.51 19.35 -12.17
C GLU B 13 13.42 19.63 -12.01
N SER B 14 13.49 18.74 -11.02
CA SER B 14 12.31 18.01 -10.53
C SER B 14 11.19 18.96 -10.27
N GLU B 15 11.49 20.06 -9.62
CA GLU B 15 10.49 21.07 -9.32
C GLU B 15 9.82 21.60 -10.60
N SER B 16 10.65 21.91 -11.60
N SER B 16 10.62 21.95 -11.62
N SER B 16 10.62 21.96 -11.60
CA SER B 16 10.13 22.41 -12.83
CA SER B 16 10.02 22.46 -12.86
CA SER B 16 10.02 22.49 -12.81
C SER B 16 9.25 21.36 -13.47
C SER B 16 9.26 21.35 -13.61
C SER B 16 9.26 21.36 -13.56
N ALA B 17 9.78 20.13 -13.55
CA ALA B 17 9.08 19.04 -14.19
C ALA B 17 7.67 18.77 -13.53
N VAL B 18 7.59 18.93 -12.20
CA VAL B 18 6.33 18.78 -11.47
C VAL B 18 5.36 19.89 -11.95
N ASN B 19 5.84 21.10 -12.08
CA ASN B 19 4.96 22.17 -12.58
C ASN B 19 4.42 21.88 -13.95
N LYS B 20 5.30 21.37 -14.84
N LYS B 20 5.27 21.35 -14.85
CA LYS B 20 4.87 20.95 -16.22
CA LYS B 20 4.83 20.95 -16.23
C LYS B 20 3.78 19.87 -16.12
C LYS B 20 3.80 19.81 -16.18
N GLN B 21 3.97 18.87 -15.26
CA GLN B 21 3.07 17.77 -15.14
C GLN B 21 1.69 18.24 -14.59
N ILE B 22 1.74 19.19 -13.68
CA ILE B 22 0.49 19.81 -13.19
C ILE B 22 -0.34 20.41 -14.33
N ASN B 23 0.37 21.19 -15.21
CA ASN B 23 -0.34 21.73 -16.35
C ASN B 23 -0.89 20.66 -17.27
N LEU B 24 -0.11 19.63 -17.57
CA LEU B 24 -0.58 18.54 -18.40
C LEU B 24 -1.83 17.85 -17.87
N GLU B 25 -1.86 17.59 -16.57
CA GLU B 25 -3.01 16.92 -15.99
C GLU B 25 -4.23 17.84 -16.00
N LEU B 26 -4.03 19.12 -15.71
CA LEU B 26 -5.15 20.06 -15.86
C LEU B 26 -5.68 20.11 -17.26
N TYR B 27 -4.76 20.12 -18.24
CA TYR B 27 -5.17 20.04 -19.60
C TYR B 27 -5.95 18.77 -19.95
N ALA B 28 -5.47 17.66 -19.50
CA ALA B 28 -6.12 16.40 -19.75
C ALA B 28 -7.57 16.42 -19.11
N SER B 29 -7.66 17.01 -17.88
CA SER B 29 -8.98 17.10 -17.24
C SER B 29 -9.94 17.96 -18.12
N TYR B 30 -9.44 18.98 -18.74
CA TYR B 30 -10.22 19.85 -19.60
C TYR B 30 -10.68 19.16 -20.88
N VAL B 31 -9.76 18.37 -21.48
CA VAL B 31 -10.13 17.56 -22.60
C VAL B 31 -11.28 16.63 -22.23
N TYR B 32 -11.15 15.90 -21.13
CA TYR B 32 -12.18 14.98 -20.71
C TYR B 32 -13.49 15.69 -20.42
N GLN B 33 -13.40 16.85 -19.80
N GLN B 33 -13.42 16.87 -19.83
CA GLN B 33 -14.60 17.72 -19.57
CA GLN B 33 -14.65 17.63 -19.59
C GLN B 33 -15.32 17.96 -20.89
C GLN B 33 -15.35 18.00 -20.88
N SER B 34 -14.58 18.41 -21.89
CA SER B 34 -15.16 18.71 -23.18
C SER B 34 -15.78 17.47 -23.79
N MET B 35 -15.04 16.36 -23.71
CA MET B 35 -15.58 15.04 -24.17
CA MET B 35 -15.59 15.05 -24.18
C MET B 35 -16.95 14.49 -23.49
N SER B 36 -16.92 14.76 -22.17
CA SER B 36 -18.05 14.52 -21.38
C SER B 36 -19.29 15.31 -21.74
N ARG B 37 -19.11 16.60 -21.88
CA ARG B 37 -20.25 17.46 -22.18
C ARG B 37 -20.76 17.23 -23.59
N TYR B 38 -19.88 16.97 -24.54
CA TYR B 38 -20.28 16.65 -25.90
C TYR B 38 -21.23 15.44 -25.97
N PHE B 39 -21.00 14.38 -25.16
CA PHE B 39 -21.86 13.21 -25.19
C PHE B 39 -23.27 13.43 -24.56
N ASN B 40 -23.46 14.55 -23.87
CA ASN B 40 -24.78 14.88 -23.44
C ASN B 40 -25.51 15.90 -24.36
N ARG B 41 -24.91 16.27 -25.46
CA ARG B 41 -25.67 17.00 -26.45
C ARG B 41 -26.88 16.21 -26.91
N ASP B 42 -27.94 16.93 -27.25
CA ASP B 42 -29.18 16.31 -27.69
C ASP B 42 -29.03 15.50 -28.99
N ASP B 43 -28.03 15.82 -29.80
CA ASP B 43 -27.84 15.11 -31.02
C ASP B 43 -26.70 14.07 -30.93
N VAL B 44 -26.29 13.76 -29.68
CA VAL B 44 -25.23 12.72 -29.36
C VAL B 44 -25.91 11.75 -28.38
N ALA B 45 -26.26 12.26 -27.20
CA ALA B 45 -27.17 11.61 -26.29
C ALA B 45 -26.68 10.17 -25.91
N LEU B 46 -25.43 10.10 -25.37
CA LEU B 46 -24.90 8.83 -24.89
C LEU B 46 -24.48 9.09 -23.45
N LYS B 47 -25.37 8.77 -22.46
CA LYS B 47 -25.11 9.15 -21.08
C LYS B 47 -24.06 8.29 -20.46
N GLY B 48 -23.83 7.09 -20.96
CA GLY B 48 -22.71 6.33 -20.45
C GLY B 48 -21.32 6.82 -20.76
N PHE B 49 -21.14 7.29 -22.02
CA PHE B 49 -19.90 7.98 -22.38
C PHE B 49 -19.80 9.28 -21.58
N HIS B 50 -20.93 10.06 -21.48
CA HIS B 50 -20.95 11.26 -20.69
C HIS B 50 -20.34 11.00 -19.28
N LYS B 51 -20.89 9.95 -18.59
CA LYS B 51 -20.45 9.61 -17.24
C LYS B 51 -18.99 9.11 -17.17
N TYR B 52 -18.58 8.34 -18.18
CA TYR B 52 -17.23 7.77 -18.18
C TYR B 52 -16.17 8.86 -18.26
N PHE B 53 -16.46 9.86 -19.17
CA PHE B 53 -15.50 10.95 -19.35
C PHE B 53 -15.59 12.03 -18.21
N LYS B 54 -16.81 12.14 -17.57
CA LYS B 54 -16.86 12.98 -16.39
C LYS B 54 -15.91 12.44 -15.33
N LYS B 55 -16.01 11.14 -15.06
CA LYS B 55 -15.13 10.51 -14.06
C LYS B 55 -13.65 10.75 -14.44
N ALA B 56 -13.32 10.53 -15.71
CA ALA B 56 -11.95 10.75 -16.21
C ALA B 56 -11.46 12.16 -15.92
N SER B 57 -12.35 13.14 -16.21
CA SER B 57 -12.04 14.49 -15.94
C SER B 57 -11.75 14.84 -14.49
N GLU B 58 -12.58 14.27 -13.63
CA GLU B 58 -12.38 14.45 -12.22
C GLU B 58 -11.06 13.81 -11.74
N GLU B 59 -10.80 12.60 -12.22
CA GLU B 59 -9.58 11.89 -11.83
C GLU B 59 -8.35 12.70 -12.22
N GLU B 60 -8.38 13.24 -13.43
N GLU B 60 -8.34 13.25 -13.43
CA GLU B 60 -7.19 14.01 -13.91
CA GLU B 60 -7.16 14.04 -13.90
C GLU B 60 -6.97 15.25 -13.01
C GLU B 60 -6.96 15.33 -13.11
N ARG B 61 -8.06 15.90 -12.66
CA ARG B 61 -7.97 17.08 -11.83
C ARG B 61 -7.38 16.66 -10.45
N GLN B 62 -7.86 15.55 -9.86
CA GLN B 62 -7.29 15.04 -8.63
C GLN B 62 -5.81 14.74 -8.70
N HIS B 63 -5.38 14.17 -9.80
N HIS B 63 -5.38 14.18 -9.83
CA HIS B 63 -3.94 13.94 -9.97
CA HIS B 63 -3.92 13.97 -10.08
C HIS B 63 -3.11 15.26 -10.06
C HIS B 63 -3.13 15.28 -10.04
N ALA B 64 -3.64 16.28 -10.74
CA ALA B 64 -3.02 17.57 -10.75
C ALA B 64 -2.90 18.16 -9.36
N GLU B 65 -3.99 18.04 -8.56
CA GLU B 65 -3.99 18.53 -7.19
C GLU B 65 -2.99 17.74 -6.29
N LYS B 66 -2.88 16.45 -6.51
CA LYS B 66 -1.89 15.66 -5.75
C LYS B 66 -0.47 16.17 -6.03
N LEU B 67 -0.21 16.51 -7.32
CA LEU B 67 1.10 17.07 -7.71
C LEU B 67 1.34 18.48 -7.07
N MET B 68 0.29 19.33 -7.04
CA MET B 68 0.34 20.61 -6.37
C MET B 68 0.77 20.46 -4.89
N GLU B 69 0.10 19.58 -4.20
CA GLU B 69 0.40 19.32 -2.82
C GLU B 69 1.82 18.80 -2.64
N TYR B 70 2.21 17.88 -3.50
CA TYR B 70 3.58 17.34 -3.43
C TYR B 70 4.66 18.40 -3.60
N GLN B 71 4.48 19.32 -4.55
CA GLN B 71 5.37 20.41 -4.79
C GLN B 71 5.63 21.21 -3.50
N SER B 72 4.50 21.60 -2.82
CA SER B 72 4.66 22.38 -1.65
C SER B 72 5.24 21.56 -0.49
N THR B 73 4.85 20.31 -0.40
CA THR B 73 5.43 19.38 0.63
C THR B 73 6.95 19.31 0.58
N ARG B 74 7.48 19.22 -0.67
CA ARG B 74 8.94 19.19 -0.86
C ARG B 74 9.62 20.52 -0.70
N GLY B 75 8.87 21.64 -0.64
CA GLY B 75 9.43 22.96 -0.60
C GLY B 75 9.61 23.67 -1.92
N GLY B 76 9.07 23.05 -3.00
CA GLY B 76 9.03 23.69 -4.24
C GLY B 76 7.92 24.69 -4.29
N ARG B 77 7.90 25.48 -5.37
CA ARG B 77 6.89 26.50 -5.55
C ARG B 77 6.04 26.26 -6.80
N ILE B 78 4.73 26.11 -6.57
CA ILE B 78 3.78 25.88 -7.65
C ILE B 78 3.75 27.12 -8.63
N MET B 79 3.90 26.82 -9.93
CA MET B 79 3.87 27.85 -10.98
C MET B 79 2.85 27.40 -11.99
N LEU B 80 1.76 28.14 -12.08
CA LEU B 80 0.64 27.79 -12.94
C LEU B 80 0.75 28.55 -14.30
N SER B 81 0.27 27.82 -15.33
N SER B 81 0.34 27.89 -15.38
CA SER B 81 0.23 28.35 -16.70
CA SER B 81 0.28 28.55 -16.69
C SER B 81 -1.19 28.26 -17.23
C SER B 81 -1.13 28.33 -17.21
N ASP B 82 -1.37 28.82 -18.42
CA ASP B 82 -2.69 28.76 -19.06
C ASP B 82 -3.09 27.33 -19.45
N ILE B 83 -4.31 26.94 -19.10
CA ILE B 83 -4.84 25.61 -19.43
C ILE B 83 -5.39 25.75 -20.84
N LYS B 84 -4.61 25.25 -21.80
CA LYS B 84 -5.04 25.39 -23.20
C LYS B 84 -6.33 24.63 -23.46
N ARG B 85 -7.12 25.25 -24.37
CA ARG B 85 -8.33 24.58 -24.80
C ARG B 85 -8.01 23.31 -25.61
N PRO B 86 -8.93 22.37 -25.56
CA PRO B 86 -8.80 21.08 -26.38
C PRO B 86 -8.71 21.34 -27.86
N GLU B 87 -8.17 20.34 -28.56
CA GLU B 87 -7.92 20.44 -30.00
C GLU B 87 -9.24 20.50 -30.80
N ASN B 88 -10.31 19.95 -30.21
N ASN B 88 -10.28 19.82 -30.29
CA ASN B 88 -11.59 19.77 -30.89
CA ASN B 88 -11.60 19.74 -30.92
C ASN B 88 -12.72 20.32 -30.05
C ASN B 88 -12.62 20.52 -30.08
N ASP B 89 -13.75 20.81 -30.70
CA ASP B 89 -15.04 21.13 -30.04
C ASP B 89 -15.97 19.93 -29.93
N GLU B 90 -15.87 19.12 -30.98
CA GLU B 90 -16.58 17.81 -31.16
CA GLU B 90 -16.74 17.89 -31.11
C GLU B 90 -15.66 16.47 -31.14
N TRP B 91 -16.33 15.39 -30.78
CA TRP B 91 -15.47 14.24 -30.51
C TRP B 91 -15.93 12.94 -31.18
N GLY B 92 -16.89 13.06 -32.10
CA GLY B 92 -17.26 11.96 -32.99
C GLY B 92 -18.09 10.87 -32.30
N THR B 93 -17.89 9.62 -32.66
CA THR B 93 -18.60 8.50 -32.10
C THR B 93 -17.93 8.10 -30.77
N GLY B 94 -18.59 7.12 -30.09
CA GLY B 94 -17.98 6.55 -28.89
C GLY B 94 -16.63 5.94 -29.15
N LEU B 95 -16.53 5.20 -30.24
CA LEU B 95 -15.27 4.64 -30.61
C LEU B 95 -14.17 5.67 -30.85
N GLU B 96 -14.51 6.74 -31.64
CA GLU B 96 -13.51 7.78 -31.89
C GLU B 96 -13.03 8.40 -30.60
N ALA B 97 -13.98 8.71 -29.71
CA ALA B 97 -13.63 9.36 -28.48
C ALA B 97 -12.78 8.41 -27.60
N MET B 98 -13.04 7.11 -27.57
CA MET B 98 -12.19 6.16 -26.87
C MET B 98 -10.77 6.12 -27.43
N GLU B 99 -10.66 6.18 -28.76
CA GLU B 99 -9.31 6.27 -29.43
C GLU B 99 -8.57 7.58 -28.99
N THR B 100 -9.33 8.70 -28.96
CA THR B 100 -8.78 9.96 -28.49
C THR B 100 -8.29 9.80 -27.06
N ALA B 101 -9.15 9.24 -26.18
CA ALA B 101 -8.80 9.04 -24.79
C ALA B 101 -7.50 8.19 -24.64
N LEU B 102 -7.36 7.10 -25.41
CA LEU B 102 -6.16 6.27 -25.27
C LEU B 102 -4.89 7.05 -25.63
N ASN B 103 -5.01 7.92 -26.69
CA ASN B 103 -3.88 8.72 -27.07
CA ASN B 103 -3.85 8.72 -27.08
C ASN B 103 -3.46 9.69 -25.99
N LEU B 104 -4.51 10.29 -25.35
CA LEU B 104 -4.22 11.20 -24.26
C LEU B 104 -3.54 10.47 -23.08
N GLU B 105 -4.09 9.33 -22.67
CA GLU B 105 -3.55 8.54 -21.61
C GLU B 105 -2.11 8.15 -21.87
N LYS B 106 -1.83 7.71 -23.05
CA LYS B 106 -0.47 7.35 -23.38
C LYS B 106 0.50 8.57 -23.34
N ASN B 107 0.05 9.74 -23.78
N ASN B 107 0.00 9.73 -23.74
CA ASN B 107 0.88 10.95 -23.72
CA ASN B 107 1.75 12.76 -24.46
CA ASN B 107 0.77 10.93 -23.67
C ASN B 107 1.13 11.41 -22.24
C ASN B 107 1.13 11.27 -22.23
N VAL B 108 0.11 11.23 -21.38
CA VAL B 108 0.30 11.54 -19.99
C VAL B 108 1.22 10.48 -19.34
N ASN B 109 1.08 9.22 -19.75
CA ASN B 109 1.93 8.15 -19.21
C ASN B 109 3.38 8.43 -19.59
N GLN B 110 3.68 8.84 -20.83
CA GLN B 110 5.09 9.03 -21.25
C GLN B 110 5.69 10.21 -20.43
N SER B 111 4.80 11.27 -20.16
CA SER B 111 5.22 12.38 -19.35
CA SER B 111 5.25 12.38 -19.36
C SER B 111 5.57 11.91 -17.94
N LEU B 112 4.73 11.08 -17.34
CA LEU B 112 5.02 10.50 -16.03
C LEU B 112 6.29 9.67 -15.97
N LEU B 113 6.52 8.84 -16.99
CA LEU B 113 7.75 8.08 -17.05
C LEU B 113 8.95 9.00 -17.17
N ASP B 114 8.84 10.14 -17.89
CA ASP B 114 9.93 11.09 -17.99
C ASP B 114 10.18 11.79 -16.68
N LEU B 115 9.07 12.09 -15.97
CA LEU B 115 9.16 12.71 -14.65
C LEU B 115 9.88 11.73 -13.68
N HIS B 116 9.55 10.41 -13.76
CA HIS B 116 10.27 9.40 -13.00
C HIS B 116 11.75 9.37 -13.32
N LYS B 117 12.09 9.46 -14.61
CA LYS B 117 13.49 9.46 -15.03
C LYS B 117 14.24 10.69 -14.46
N THR B 118 13.55 11.81 -14.40
CA THR B 118 14.09 13.07 -13.79
C THR B 118 14.46 12.75 -12.29
N ALA B 119 13.47 12.23 -11.57
CA ALA B 119 13.70 11.92 -10.20
C ALA B 119 14.86 10.94 -9.99
N GLU B 120 14.95 9.94 -10.87
CA GLU B 120 16.01 8.96 -10.77
C GLU B 120 17.41 9.57 -11.02
N LYS B 121 17.46 10.43 -12.02
CA LYS B 121 18.74 11.10 -12.42
C LYS B 121 19.35 11.85 -11.20
N HIS B 122 18.38 12.54 -10.51
CA HIS B 122 18.76 13.32 -9.35
C HIS B 122 18.72 12.56 -8.00
N VAL B 123 18.65 11.25 -8.08
CA VAL B 123 18.78 10.35 -6.92
C VAL B 123 17.71 10.80 -5.85
N ASP B 124 16.50 10.99 -6.32
CA ASP B 124 15.36 11.42 -5.47
C ASP B 124 14.49 10.20 -5.25
N ALA B 125 14.91 9.34 -4.31
CA ALA B 125 14.20 8.14 -4.04
C ALA B 125 12.74 8.32 -3.61
N GLN B 126 12.50 9.33 -2.82
CA GLN B 126 11.17 9.55 -2.34
C GLN B 126 10.25 9.96 -3.50
N MET B 127 10.75 10.82 -4.37
CA MET B 127 9.91 11.26 -5.51
C MET B 127 9.60 10.06 -6.45
N GLN B 128 10.59 9.14 -6.67
CA GLN B 128 10.38 7.97 -7.43
C GLN B 128 9.21 7.15 -6.92
N ASP B 129 9.23 6.90 -5.61
N ASP B 129 9.23 6.90 -5.61
CA ASP B 129 8.18 6.13 -4.97
CA ASP B 129 8.18 6.13 -4.97
C ASP B 129 6.83 6.82 -5.15
C ASP B 129 6.82 6.83 -5.15
N PHE B 130 6.81 8.12 -4.84
CA PHE B 130 5.58 8.96 -4.96
C PHE B 130 5.00 8.74 -6.32
N ILE B 131 5.80 8.83 -7.39
CA ILE B 131 5.25 8.70 -8.73
C ILE B 131 4.76 7.27 -8.98
N GLU B 132 5.55 6.28 -8.59
CA GLU B 132 5.18 4.90 -8.84
C GLU B 132 3.77 4.54 -8.18
N GLU B 133 3.67 4.89 -6.94
CA GLU B 133 2.50 4.59 -6.15
C GLU B 133 1.26 5.36 -6.58
N ASN B 134 1.47 6.62 -6.88
CA ASN B 134 0.29 7.47 -7.09
C ASN B 134 -0.15 7.69 -8.50
N PHE B 135 0.73 7.39 -9.45
N PHE B 135 0.68 7.30 -9.46
CA PHE B 135 0.47 7.70 -10.84
CA PHE B 135 0.35 7.53 -10.84
C PHE B 135 0.66 6.47 -11.78
C PHE B 135 0.68 6.46 -11.84
N LEU B 136 1.81 5.75 -11.67
CA LEU B 136 2.16 4.83 -12.70
C LEU B 136 1.21 3.61 -12.78
N ARG B 137 0.80 3.11 -11.62
CA ARG B 137 -0.07 1.95 -11.60
C ARG B 137 -1.40 2.28 -12.26
N GLU B 138 -1.96 3.38 -11.79
N GLU B 138 -1.95 3.40 -11.86
CA GLU B 138 -3.25 3.82 -12.37
CA GLU B 138 -3.25 3.81 -12.44
C GLU B 138 -3.24 3.96 -13.90
C GLU B 138 -3.24 3.95 -13.96
N GLN B 139 -2.16 4.52 -14.43
CA GLN B 139 -2.02 4.74 -15.82
C GLN B 139 -1.98 3.43 -16.63
N VAL B 140 -1.33 2.39 -16.12
N VAL B 140 -1.25 2.45 -16.12
CA VAL B 140 -1.33 1.17 -16.92
CA VAL B 140 -1.15 1.21 -16.84
C VAL B 140 -2.71 0.46 -16.81
C VAL B 140 -2.57 0.62 -16.93
N GLU B 141 -3.41 0.63 -15.67
N GLU B 141 -3.28 0.67 -15.79
CA GLU B 141 -4.79 0.10 -15.62
CA GLU B 141 -4.65 0.09 -15.70
C GLU B 141 -5.71 0.77 -16.65
C GLU B 141 -5.69 0.78 -16.67
N SER B 142 -5.61 2.08 -16.71
CA SER B 142 -6.46 2.86 -17.60
C SER B 142 -6.19 2.54 -19.06
N ILE B 143 -4.91 2.48 -19.40
CA ILE B 143 -4.55 2.15 -20.80
C ILE B 143 -5.12 0.79 -21.21
N LYS B 144 -5.01 -0.20 -20.32
CA LYS B 144 -5.58 -1.53 -20.55
C LYS B 144 -7.11 -1.46 -20.72
N GLU B 145 -7.77 -0.76 -19.81
CA GLU B 145 -9.23 -0.66 -19.87
C GLU B 145 -9.74 0.03 -21.13
N ILE B 146 -9.11 1.13 -21.53
CA ILE B 146 -9.57 1.82 -22.75
C ILE B 146 -9.30 0.97 -23.98
N SER B 147 -8.18 0.20 -23.97
CA SER B 147 -7.94 -0.67 -25.03
C SER B 147 -8.97 -1.78 -25.13
N ASP B 148 -9.39 -2.31 -24.02
CA ASP B 148 -10.49 -3.29 -23.99
C ASP B 148 -11.77 -2.65 -24.62
N HIS B 149 -12.06 -1.41 -24.17
CA HIS B 149 -13.25 -0.71 -24.68
C HIS B 149 -13.23 -0.52 -26.18
N ILE B 150 -12.06 -0.24 -26.74
CA ILE B 150 -11.93 -0.05 -28.16
C ILE B 150 -12.24 -1.34 -28.94
N THR B 151 -11.69 -2.47 -28.41
CA THR B 151 -11.97 -3.78 -28.99
C THR B 151 -13.45 -4.04 -28.98
N ASN B 152 -14.08 -3.79 -27.83
CA ASN B 152 -15.51 -4.00 -27.78
C ASN B 152 -16.37 -3.04 -28.63
N LEU B 153 -15.97 -1.79 -28.74
CA LEU B 153 -16.69 -0.87 -29.61
C LEU B 153 -16.58 -1.30 -31.04
N LYS B 154 -15.43 -1.83 -31.48
CA LYS B 154 -15.38 -2.42 -32.79
C LYS B 154 -16.21 -3.66 -32.97
N ARG B 155 -16.23 -4.48 -31.92
CA ARG B 155 -16.98 -5.72 -31.91
C ARG B 155 -18.48 -5.51 -32.00
N VAL B 156 -18.99 -4.45 -31.37
CA VAL B 156 -20.44 -4.24 -31.43
C VAL B 156 -20.95 -3.49 -32.67
N GLY B 157 -20.08 -2.66 -33.22
CA GLY B 157 -20.43 -1.85 -34.34
C GLY B 157 -21.28 -0.66 -34.05
N PRO B 158 -21.60 0.10 -35.12
CA PRO B 158 -22.37 1.32 -34.94
C PRO B 158 -23.86 1.00 -34.67
N GLY B 159 -24.58 2.03 -34.25
CA GLY B 159 -26.05 1.98 -34.11
C GLY B 159 -26.44 1.30 -32.79
N LEU B 160 -27.21 0.20 -32.87
CA LEU B 160 -27.64 -0.53 -31.69
C LEU B 160 -26.42 -0.97 -30.90
N GLY B 161 -25.34 -1.37 -31.58
CA GLY B 161 -24.20 -1.85 -30.81
C GLY B 161 -23.61 -0.75 -29.88
N GLU B 162 -23.45 0.44 -30.44
CA GLU B 162 -22.97 1.59 -29.64
C GLU B 162 -23.91 1.90 -28.45
N TYR B 163 -25.20 1.88 -28.77
CA TYR B 163 -26.24 2.08 -27.71
C TYR B 163 -26.15 1.03 -26.59
N MET B 164 -25.94 -0.24 -26.91
CA MET B 164 -25.84 -1.26 -25.87
C MET B 164 -24.50 -1.14 -25.07
N PHE B 165 -23.42 -0.83 -25.75
CA PHE B 165 -22.16 -0.59 -25.07
C PHE B 165 -22.34 0.57 -24.06
N ASP B 166 -22.99 1.65 -24.52
CA ASP B 166 -23.15 2.82 -23.69
C ASP B 166 -23.96 2.46 -22.45
N LYS B 167 -25.05 1.73 -22.61
CA LYS B 167 -25.81 1.24 -21.43
C LYS B 167 -25.00 0.49 -20.42
N ASN B 168 -24.09 -0.32 -20.90
N ASN B 168 -24.13 -0.37 -20.91
CA ASN B 168 -23.26 -1.07 -19.99
CA ASN B 168 -23.22 -1.08 -20.04
C ASN B 168 -22.13 -0.24 -19.35
C ASN B 168 -22.27 -0.13 -19.31
N LEU B 169 -21.69 0.84 -20.02
CA LEU B 169 -20.87 1.80 -19.37
C LEU B 169 -21.59 2.47 -18.20
N SER B 170 -22.87 2.82 -18.40
CA SER B 170 -23.70 3.43 -17.37
C SER B 170 -23.85 2.48 -16.18
N GLU B 171 -23.98 1.24 -16.53
CA GLU B 171 -24.09 0.10 -15.65
C GLU B 171 -25.41 -0.43 -15.43
N SER C 2 2.26 -2.82 -35.60
CA SER C 2 2.08 -4.17 -35.02
C SER C 2 2.48 -4.33 -33.47
N LEU C 3 2.73 -3.30 -32.68
CA LEU C 3 2.66 -3.56 -31.28
C LEU C 3 1.17 -3.64 -30.87
N SER C 4 0.91 -4.30 -29.73
CA SER C 4 -0.38 -4.35 -29.19
C SER C 4 -0.80 -2.96 -28.70
N ARG C 5 -2.11 -2.71 -28.68
CA ARG C 5 -2.65 -1.39 -28.39
C ARG C 5 -2.20 -0.74 -27.07
N PRO C 6 -2.19 -1.57 -25.95
CA PRO C 6 -1.77 -0.95 -24.67
C PRO C 6 -0.26 -0.71 -24.57
N ARG C 7 0.51 -1.53 -25.26
CA ARG C 7 1.98 -1.52 -25.18
C ARG C 7 2.65 -0.17 -25.01
N GLN C 8 3.39 0.03 -23.91
CA GLN C 8 4.11 1.32 -23.77
C GLN C 8 5.32 1.10 -22.75
N ASN C 9 6.55 1.27 -23.17
CA ASN C 9 7.67 1.06 -22.29
C ASN C 9 7.78 -0.38 -21.72
N TYR C 10 7.44 -1.38 -22.56
CA TYR C 10 7.44 -2.78 -22.14
C TYR C 10 8.34 -3.60 -23.10
N HIS C 11 9.54 -3.89 -22.61
CA HIS C 11 10.58 -4.51 -23.51
C HIS C 11 10.21 -5.97 -23.78
N THR C 12 10.69 -6.51 -24.90
N THR C 12 10.74 -6.48 -24.88
CA THR C 12 10.44 -7.89 -25.20
CA THR C 12 10.51 -7.86 -25.28
C THR C 12 11.18 -8.79 -24.22
C THR C 12 11.20 -8.79 -24.28
N GLU C 13 12.28 -8.29 -23.69
CA GLU C 13 13.07 -9.04 -22.73
C GLU C 13 12.20 -9.22 -21.49
N SER C 14 11.57 -8.14 -21.05
CA SER C 14 10.69 -8.23 -19.89
C SER C 14 9.54 -9.15 -20.04
N GLU C 15 8.94 -9.08 -21.22
CA GLU C 15 7.84 -9.97 -21.59
C GLU C 15 8.22 -11.46 -21.50
N SER C 16 9.34 -11.85 -22.10
N SER C 16 9.37 -11.77 -22.10
N SER C 16 9.36 -11.81 -22.09
CA SER C 16 9.75 -13.24 -22.04
CA SER C 16 9.88 -13.11 -22.10
CA SER C 16 9.76 -13.18 -22.08
C SER C 16 10.12 -13.62 -20.60
C SER C 16 10.12 -13.56 -20.65
C SER C 16 10.16 -13.61 -20.64
N ALA C 17 10.79 -12.70 -19.87
CA ALA C 17 11.16 -13.04 -18.49
C ALA C 17 9.89 -13.27 -17.61
N VAL C 18 8.81 -12.50 -17.87
CA VAL C 18 7.53 -12.70 -17.20
C VAL C 18 6.98 -14.09 -17.48
N ASN C 19 7.01 -14.54 -18.80
CA ASN C 19 6.60 -15.90 -19.15
C ASN C 19 7.42 -16.93 -18.39
N LYS C 20 8.73 -16.76 -18.33
CA LYS C 20 9.55 -17.73 -17.61
C LYS C 20 9.20 -17.79 -16.10
N GLN C 21 8.93 -16.64 -15.52
CA GLN C 21 8.54 -16.58 -14.12
C GLN C 21 7.22 -17.28 -13.85
N ILE C 22 6.29 -17.08 -14.74
CA ILE C 22 4.99 -17.80 -14.68
C ILE C 22 5.23 -19.32 -14.55
N ASN C 23 6.05 -19.87 -15.48
CA ASN C 23 6.33 -21.26 -15.42
C ASN C 23 6.96 -21.67 -14.10
N LEU C 24 7.91 -20.85 -13.67
CA LEU C 24 8.63 -21.16 -12.42
C LEU C 24 7.68 -21.24 -11.16
N GLU C 25 6.73 -20.32 -11.13
CA GLU C 25 5.77 -20.29 -10.03
C GLU C 25 4.75 -21.44 -10.16
N LEU C 26 4.29 -21.76 -11.39
CA LEU C 26 3.48 -22.90 -11.54
C LEU C 26 4.22 -24.22 -11.10
N TYR C 27 5.49 -24.33 -11.46
CA TYR C 27 6.35 -25.40 -10.99
C TYR C 27 6.47 -25.48 -9.48
N ALA C 28 6.69 -24.35 -8.90
CA ALA C 28 6.78 -24.33 -7.47
C ALA C 28 5.45 -24.76 -6.77
N SER C 29 4.31 -24.31 -7.36
CA SER C 29 3.04 -24.68 -6.83
C SER C 29 2.89 -26.20 -6.89
N TYR C 30 3.39 -26.89 -7.99
CA TYR C 30 3.27 -28.29 -8.17
C TYR C 30 4.14 -29.05 -7.19
N VAL C 31 5.33 -28.51 -6.96
CA VAL C 31 6.26 -29.11 -5.91
C VAL C 31 5.53 -29.09 -4.53
N TYR C 32 4.94 -27.92 -4.21
CA TYR C 32 4.26 -27.82 -2.93
C TYR C 32 3.03 -28.71 -2.85
N GLN C 33 2.31 -28.87 -3.98
N GLN C 33 2.31 -28.91 -3.97
CA GLN C 33 1.18 -29.79 -4.08
CA GLN C 33 1.20 -29.81 -3.95
C GLN C 33 1.64 -31.23 -3.70
C GLN C 33 1.66 -31.26 -3.64
N SER C 34 2.73 -31.64 -4.33
CA SER C 34 3.27 -32.96 -4.13
C SER C 34 3.64 -33.15 -2.68
N MET C 35 4.30 -32.15 -2.09
N MET C 35 4.30 -32.15 -2.09
CA MET C 35 4.70 -32.22 -0.69
CA MET C 35 4.70 -32.22 -0.69
C MET C 35 3.49 -32.35 0.23
C MET C 35 3.49 -32.35 0.23
N SER C 36 2.50 -31.50 -0.01
CA SER C 36 1.30 -31.47 0.75
C SER C 36 0.63 -32.82 0.78
N ARG C 37 0.46 -33.40 -0.40
CA ARG C 37 -0.18 -34.71 -0.53
C ARG C 37 0.59 -35.74 0.28
N TYR C 38 1.89 -35.81 0.02
CA TYR C 38 2.82 -36.78 0.72
C TYR C 38 2.60 -36.80 2.23
N PHE C 39 2.38 -35.62 2.82
CA PHE C 39 2.26 -35.59 4.25
C PHE C 39 0.87 -36.11 4.75
N ASN C 40 -0.10 -36.32 3.87
CA ASN C 40 -1.31 -37.00 4.23
C ASN C 40 -1.35 -38.52 3.90
N ARG C 41 -0.24 -39.09 3.39
CA ARG C 41 -0.14 -40.51 3.29
C ARG C 41 -0.42 -41.13 4.70
N ASP C 42 -0.97 -42.32 4.68
CA ASP C 42 -1.26 -43.02 5.94
C ASP C 42 0.07 -43.30 6.75
N ASP C 43 1.22 -43.48 6.04
CA ASP C 43 2.49 -43.85 6.62
C ASP C 43 3.34 -42.63 6.92
N VAL C 44 2.73 -41.39 6.79
CA VAL C 44 3.39 -40.14 7.08
C VAL C 44 2.52 -39.41 8.06
N ALA C 45 1.30 -39.06 7.69
CA ALA C 45 0.27 -38.68 8.64
C ALA C 45 0.66 -37.47 9.51
N LEU C 46 1.03 -36.34 8.83
CA LEU C 46 1.37 -35.11 9.52
C LEU C 46 0.47 -34.04 8.93
N LYS C 47 -0.72 -33.82 9.52
CA LYS C 47 -1.70 -32.92 8.91
C LYS C 47 -1.27 -31.48 8.96
N GLY C 48 -0.44 -31.03 9.93
CA GLY C 48 0.01 -29.69 9.88
C GLY C 48 0.99 -29.33 8.78
N PHE C 49 1.86 -30.26 8.48
CA PHE C 49 2.70 -30.13 7.30
C PHE C 49 1.82 -30.18 6.02
N HIS C 50 0.87 -31.13 5.99
CA HIS C 50 -0.10 -31.22 4.85
C HIS C 50 -0.70 -29.80 4.59
N LYS C 51 -1.24 -29.19 5.67
CA LYS C 51 -1.88 -27.91 5.52
C LYS C 51 -0.92 -26.74 5.12
N TYR C 52 0.30 -26.75 5.68
CA TYR C 52 1.26 -25.73 5.43
C TYR C 52 1.66 -25.72 3.97
N PHE C 53 1.94 -26.94 3.44
CA PHE C 53 2.34 -27.01 2.02
C PHE C 53 1.13 -26.82 1.05
N LYS C 54 -0.05 -27.15 1.50
CA LYS C 54 -1.28 -26.83 0.71
C LYS C 54 -1.38 -25.34 0.53
N LYS C 55 -1.23 -24.56 1.60
CA LYS C 55 -1.26 -23.13 1.54
C LYS C 55 -0.16 -22.57 0.60
N ALA C 56 1.04 -23.09 0.74
CA ALA C 56 2.16 -22.67 -0.08
C ALA C 56 1.82 -22.95 -1.55
N SER C 57 1.24 -24.10 -1.84
CA SER C 57 0.85 -24.44 -3.20
C SER C 57 -0.11 -23.46 -3.81
N GLU C 58 -1.11 -23.12 -3.02
CA GLU C 58 -2.09 -22.15 -3.46
C GLU C 58 -1.48 -20.77 -3.70
N GLU C 59 -0.62 -20.32 -2.80
CA GLU C 59 -0.01 -19.02 -2.93
C GLU C 59 0.84 -18.94 -4.16
N GLU C 60 1.60 -19.99 -4.44
N GLU C 60 1.61 -19.98 -4.43
CA GLU C 60 2.42 -19.96 -5.66
CA GLU C 60 2.44 -20.02 -5.65
C GLU C 60 1.56 -19.86 -6.94
C GLU C 60 1.58 -19.87 -6.93
N ARG C 61 0.47 -20.59 -6.95
CA ARG C 61 -0.41 -20.54 -8.08
C ARG C 61 -0.96 -19.11 -8.19
N GLN C 62 -1.37 -18.50 -7.07
CA GLN C 62 -1.85 -17.13 -7.12
C GLN C 62 -0.80 -16.16 -7.69
N HIS C 63 0.45 -16.30 -7.31
N HIS C 63 0.47 -16.31 -7.28
CA HIS C 63 1.44 -15.44 -7.85
CA HIS C 63 1.62 -15.55 -7.83
C HIS C 63 1.69 -15.69 -9.38
C HIS C 63 1.66 -15.71 -9.38
N ALA C 64 1.63 -16.96 -9.85
CA ALA C 64 1.67 -17.24 -11.29
C ALA C 64 0.54 -16.46 -11.99
N GLU C 65 -0.68 -16.53 -11.44
CA GLU C 65 -1.85 -15.90 -12.01
C GLU C 65 -1.73 -14.38 -12.00
N LYS C 66 -1.15 -13.80 -10.96
CA LYS C 66 -0.88 -12.35 -10.94
C LYS C 66 0.08 -11.92 -12.05
N LEU C 67 1.06 -12.80 -12.32
CA LEU C 67 1.99 -12.52 -13.41
C LEU C 67 1.23 -12.64 -14.82
N MET C 68 0.37 -13.64 -14.95
CA MET C 68 -0.42 -13.81 -16.17
C MET C 68 -1.20 -12.52 -16.43
N GLU C 69 -1.92 -12.07 -15.41
N GLU C 69 -1.92 -12.04 -15.43
CA GLU C 69 -2.75 -10.82 -15.52
CA GLU C 69 -2.73 -10.83 -15.66
C GLU C 69 -1.86 -9.62 -15.88
C GLU C 69 -1.83 -9.62 -15.96
N TYR C 70 -0.66 -9.51 -15.29
CA TYR C 70 0.25 -8.44 -15.55
C TYR C 70 0.71 -8.45 -16.98
N GLN C 71 1.10 -9.61 -17.50
CA GLN C 71 1.50 -9.71 -18.86
C GLN C 71 0.44 -9.12 -19.83
N SER C 72 -0.84 -9.49 -19.64
CA SER C 72 -1.85 -9.03 -20.53
C SER C 72 -2.11 -7.54 -20.32
N THR C 73 -2.04 -7.09 -19.08
CA THR C 73 -2.24 -5.64 -18.75
C THR C 73 -1.25 -4.72 -19.49
N ARG C 74 -0.01 -5.20 -19.58
CA ARG C 74 1.04 -4.39 -20.24
C ARG C 74 0.96 -4.55 -21.76
N GLY C 75 0.17 -5.51 -22.27
CA GLY C 75 0.14 -5.76 -23.69
C GLY C 75 1.01 -6.86 -24.20
N GLY C 76 1.69 -7.54 -23.30
CA GLY C 76 2.43 -8.74 -23.58
C GLY C 76 1.54 -9.93 -23.85
N ARG C 77 2.11 -11.07 -24.31
CA ARG C 77 1.30 -12.20 -24.63
C ARG C 77 1.80 -13.43 -23.76
N ILE C 78 0.91 -14.02 -22.99
CA ILE C 78 1.21 -15.17 -22.19
C ILE C 78 1.59 -16.35 -23.06
N MET C 79 2.70 -16.97 -22.75
CA MET C 79 3.20 -18.19 -23.46
C MET C 79 3.43 -19.26 -22.41
N LEU C 80 2.62 -20.28 -22.39
CA LEU C 80 2.71 -21.37 -21.43
C LEU C 80 3.60 -22.51 -21.93
N SER C 81 4.25 -23.14 -20.96
N SER C 81 4.36 -23.11 -21.02
CA SER C 81 5.15 -24.29 -21.21
CA SER C 81 5.13 -24.34 -21.33
C SER C 81 4.72 -25.44 -20.30
C SER C 81 4.81 -25.39 -20.30
N ASP C 82 5.25 -26.63 -20.58
CA ASP C 82 4.97 -27.75 -19.66
C ASP C 82 5.34 -27.34 -18.26
N ILE C 83 4.49 -27.84 -17.30
CA ILE C 83 4.84 -27.73 -15.88
C ILE C 83 5.56 -29.06 -15.57
N LYS C 84 6.87 -29.04 -15.38
CA LYS C 84 7.65 -30.23 -15.08
C LYS C 84 7.24 -30.86 -13.76
N ARG C 85 7.26 -32.18 -13.70
CA ARG C 85 6.94 -32.86 -12.45
C ARG C 85 8.12 -32.71 -11.48
N PRO C 86 7.83 -32.63 -10.18
CA PRO C 86 8.90 -32.46 -9.13
C PRO C 86 9.98 -33.51 -9.16
N GLU C 87 11.10 -33.18 -8.50
CA GLU C 87 12.32 -34.02 -8.51
C GLU C 87 12.10 -35.31 -7.77
N ASN C 88 11.18 -35.32 -6.81
CA ASN C 88 10.96 -36.46 -5.95
CA ASN C 88 10.95 -36.45 -5.90
C ASN C 88 9.47 -36.83 -5.98
N ASP C 89 9.19 -38.07 -5.65
CA ASP C 89 7.88 -38.60 -5.31
C ASP C 89 7.52 -38.51 -3.80
N GLU C 90 8.54 -38.66 -2.95
N GLU C 90 8.59 -38.51 -2.99
CA GLU C 90 8.34 -38.55 -1.52
CA GLU C 90 8.59 -38.65 -1.52
C GLU C 90 8.93 -37.22 -1.05
C GLU C 90 9.50 -37.59 -0.93
N TRP C 91 9.15 -37.08 0.25
CA TRP C 91 9.74 -35.83 0.77
C TRP C 91 10.37 -35.95 2.16
N GLY C 92 10.45 -37.18 2.71
CA GLY C 92 11.21 -37.43 3.92
C GLY C 92 10.45 -36.97 5.19
N THR C 93 11.22 -36.47 6.15
CA THR C 93 10.72 -35.95 7.39
C THR C 93 10.21 -34.53 7.22
N GLY C 94 9.53 -34.03 8.24
CA GLY C 94 9.17 -32.61 8.25
C GLY C 94 10.36 -31.69 8.08
N LEU C 95 11.45 -31.96 8.77
CA LEU C 95 12.61 -31.18 8.65
C LEU C 95 13.16 -31.22 7.22
N GLU C 96 13.28 -32.45 6.64
CA GLU C 96 13.78 -32.55 5.25
C GLU C 96 12.92 -31.71 4.31
N ALA C 97 11.61 -31.84 4.48
CA ALA C 97 10.73 -31.09 3.59
C ALA C 97 10.83 -29.58 3.76
N MET C 98 10.99 -29.07 5.01
CA MET C 98 11.26 -27.66 5.18
C MET C 98 12.59 -27.17 4.59
N GLU C 99 13.63 -28.02 4.64
CA GLU C 99 14.85 -27.70 3.92
C GLU C 99 14.58 -27.61 2.40
N THR C 100 13.88 -28.57 1.89
CA THR C 100 13.49 -28.51 0.45
C THR C 100 12.76 -27.26 0.11
N ALA C 101 11.79 -26.90 0.97
CA ALA C 101 11.00 -25.67 0.77
C ALA C 101 11.91 -24.45 0.80
N LEU C 102 12.83 -24.36 1.73
CA LEU C 102 13.71 -23.18 1.72
C LEU C 102 14.56 -23.04 0.42
N ASN C 103 15.07 -24.20 -0.10
CA ASN C 103 15.84 -24.14 -1.31
C ASN C 103 14.94 -23.64 -2.46
N LEU C 104 13.69 -24.13 -2.52
CA LEU C 104 12.75 -23.71 -3.57
C LEU C 104 12.49 -22.20 -3.46
N GLU C 105 12.22 -21.71 -2.24
CA GLU C 105 11.92 -20.29 -2.03
C GLU C 105 13.07 -19.38 -2.44
N LYS C 106 14.28 -19.74 -2.06
N LYS C 106 14.28 -19.84 -2.17
CA LYS C 106 15.47 -19.01 -2.43
CA LYS C 106 15.45 -19.11 -2.54
C LYS C 106 15.63 -18.96 -3.95
C LYS C 106 15.74 -19.25 -4.05
N ASN C 107 15.38 -20.07 -4.60
N ASN C 107 15.34 -20.33 -4.69
CA ASN C 107 15.54 -20.15 -6.05
CA ASN C 107 15.42 -20.33 -6.12
C ASN C 107 14.47 -19.25 -6.76
C ASN C 107 14.45 -19.30 -6.77
N VAL C 108 13.22 -19.30 -6.27
CA VAL C 108 12.18 -18.39 -6.74
C VAL C 108 12.57 -16.94 -6.45
N ASN C 109 13.15 -16.66 -5.28
CA ASN C 109 13.57 -15.32 -4.94
C ASN C 109 14.67 -14.79 -5.88
N GLN C 110 15.62 -15.63 -6.23
CA GLN C 110 16.68 -15.19 -7.13
C GLN C 110 16.09 -14.89 -8.51
N SER C 111 15.15 -15.75 -8.97
N SER C 111 15.17 -15.74 -8.98
CA SER C 111 14.52 -15.47 -10.21
CA SER C 111 14.55 -15.47 -10.25
C SER C 111 13.80 -14.12 -10.21
C SER C 111 13.69 -14.20 -10.26
N LEU C 112 13.09 -13.88 -9.12
CA LEU C 112 12.38 -12.56 -8.95
C LEU C 112 13.36 -11.40 -8.95
N LEU C 113 14.49 -11.54 -8.25
CA LEU C 113 15.48 -10.50 -8.27
C LEU C 113 16.08 -10.28 -9.66
N ASP C 114 16.25 -11.36 -10.47
CA ASP C 114 16.75 -11.23 -11.82
C ASP C 114 15.68 -10.55 -12.70
N LEU C 115 14.38 -10.85 -12.43
CA LEU C 115 13.27 -10.26 -13.17
C LEU C 115 13.26 -8.73 -12.91
N HIS C 116 13.45 -8.34 -11.61
CA HIS C 116 13.59 -6.93 -11.26
C HIS C 116 14.77 -6.23 -11.97
N LYS C 117 15.93 -6.92 -12.05
CA LYS C 117 17.07 -6.39 -12.80
C LYS C 117 16.75 -6.20 -14.27
N THR C 118 15.98 -7.09 -14.83
CA THR C 118 15.53 -6.93 -16.23
C THR C 118 14.73 -5.64 -16.37
N ALA C 119 13.77 -5.49 -15.51
CA ALA C 119 12.96 -4.31 -15.53
C ALA C 119 13.74 -2.98 -15.36
N GLU C 120 14.73 -3.04 -14.48
CA GLU C 120 15.54 -1.90 -14.23
C GLU C 120 16.43 -1.55 -15.44
N LYS C 121 16.96 -2.58 -16.05
CA LYS C 121 17.84 -2.39 -17.19
C LYS C 121 17.07 -1.66 -18.33
N HIS C 122 15.82 -2.06 -18.49
CA HIS C 122 14.95 -1.44 -19.49
C HIS C 122 14.13 -0.22 -19.01
N VAL C 123 14.52 0.30 -17.87
CA VAL C 123 13.98 1.53 -17.37
C VAL C 123 12.43 1.39 -17.28
N ASP C 124 11.99 0.26 -16.73
CA ASP C 124 10.57 -0.05 -16.59
C ASP C 124 10.19 0.18 -15.11
N ALA C 125 9.94 1.45 -14.82
CA ALA C 125 9.66 1.79 -13.46
C ALA C 125 8.39 1.17 -12.84
N GLN C 126 7.39 1.10 -13.69
CA GLN C 126 6.12 0.43 -13.27
C GLN C 126 6.34 -1.03 -12.91
N MET C 127 7.05 -1.73 -13.78
CA MET C 127 7.37 -3.11 -13.55
C MET C 127 8.17 -3.35 -12.25
N GLN C 128 9.15 -2.51 -12.05
CA GLN C 128 9.97 -2.54 -10.80
C GLN C 128 9.07 -2.51 -9.55
N ASP C 129 8.16 -1.56 -9.54
N ASP C 129 8.16 -1.56 -9.54
CA ASP C 129 7.23 -1.40 -8.43
CA ASP C 129 7.23 -1.40 -8.43
C ASP C 129 6.35 -2.63 -8.29
C ASP C 129 6.35 -2.63 -8.29
N PHE C 130 5.74 -3.04 -9.39
CA PHE C 130 4.87 -4.21 -9.39
C PHE C 130 5.59 -5.38 -8.75
N ILE C 131 6.88 -5.64 -9.09
CA ILE C 131 7.56 -6.76 -8.52
C ILE C 131 7.86 -6.55 -7.03
N GLU C 132 8.28 -5.38 -6.71
CA GLU C 132 8.62 -5.05 -5.28
C GLU C 132 7.42 -5.29 -4.36
N GLU C 133 6.30 -4.68 -4.71
CA GLU C 133 5.09 -4.76 -3.88
C GLU C 133 4.28 -6.06 -3.89
N ASN C 134 4.36 -6.82 -4.98
CA ASN C 134 3.59 -8.06 -5.09
C ASN C 134 4.35 -9.34 -4.81
N PHE C 135 5.69 -9.29 -4.93
N PHE C 135 5.68 -9.28 -4.81
CA PHE C 135 6.56 -10.47 -4.86
CA PHE C 135 6.50 -10.49 -4.67
C PHE C 135 7.66 -10.38 -3.80
C PHE C 135 7.74 -10.43 -3.82
N LEU C 136 8.49 -9.31 -3.85
CA LEU C 136 9.77 -9.30 -3.12
C LEU C 136 9.55 -9.35 -1.61
N ARG C 137 8.58 -8.61 -1.12
CA ARG C 137 8.28 -8.55 0.31
C ARG C 137 7.93 -9.91 0.85
N GLU C 138 6.94 -10.50 0.21
N GLU C 138 6.97 -10.52 0.20
CA GLU C 138 6.48 -11.85 0.58
CA GLU C 138 6.51 -11.84 0.62
C GLU C 138 7.59 -12.88 0.63
C GLU C 138 7.60 -12.87 0.63
N GLN C 139 8.49 -12.80 -0.34
CA GLN C 139 9.55 -13.78 -0.44
C GLN C 139 10.52 -13.67 0.74
N VAL C 140 10.83 -12.45 1.19
N VAL C 140 10.84 -12.45 1.14
CA VAL C 140 11.78 -12.36 2.35
CA VAL C 140 11.74 -12.26 2.27
C VAL C 140 11.10 -12.83 3.61
C VAL C 140 11.09 -12.86 3.52
N GLU C 141 9.80 -12.55 3.71
CA GLU C 141 9.09 -13.08 4.90
C GLU C 141 9.03 -14.61 4.99
N SER C 142 8.77 -15.23 3.80
N SER C 142 8.70 -15.27 3.85
CA SER C 142 8.69 -16.69 3.68
CA SER C 142 8.66 -16.75 3.82
C SER C 142 10.02 -17.27 4.06
C SER C 142 10.05 -17.34 4.04
N ILE C 143 11.09 -16.72 3.47
CA ILE C 143 12.45 -17.25 3.72
C ILE C 143 12.85 -17.22 5.24
N LYS C 144 12.47 -16.13 5.84
CA LYS C 144 12.69 -15.99 7.29
C LYS C 144 11.84 -17.05 8.10
N GLU C 145 10.56 -17.16 7.74
CA GLU C 145 9.68 -18.11 8.43
C GLU C 145 10.19 -19.52 8.35
N ILE C 146 10.51 -19.98 7.09
CA ILE C 146 10.95 -21.35 6.91
C ILE C 146 12.25 -21.56 7.71
N SER C 147 13.13 -20.58 7.65
CA SER C 147 14.36 -20.65 8.42
C SER C 147 14.10 -20.81 9.92
N ASP C 148 13.09 -20.12 10.42
CA ASP C 148 12.69 -20.28 11.82
C ASP C 148 12.18 -21.69 12.08
N HIS C 149 11.36 -22.23 11.17
CA HIS C 149 10.81 -23.58 11.29
C HIS C 149 11.94 -24.60 11.32
N ILE C 150 12.98 -24.43 10.47
CA ILE C 150 14.05 -25.41 10.44
C ILE C 150 14.83 -25.44 11.77
N THR C 151 15.05 -24.26 12.33
CA THR C 151 15.68 -24.19 13.69
C THR C 151 14.85 -24.97 14.71
N ASN C 152 13.56 -24.71 14.70
CA ASN C 152 12.70 -25.41 15.63
C ASN C 152 12.57 -26.91 15.42
N LEU C 153 12.55 -27.34 14.11
CA LEU C 153 12.47 -28.75 13.86
C LEU C 153 13.75 -29.43 14.35
N LYS C 154 14.91 -28.80 14.19
CA LYS C 154 16.14 -29.29 14.80
C LYS C 154 16.14 -29.30 16.36
N ARG C 155 15.53 -28.27 16.95
CA ARG C 155 15.42 -28.16 18.40
C ARG C 155 14.54 -29.27 19.00
N VAL C 156 13.39 -29.52 18.36
CA VAL C 156 12.49 -30.55 18.92
C VAL C 156 12.90 -32.03 18.72
N GLY C 157 13.69 -32.30 17.68
CA GLY C 157 14.10 -33.58 17.30
C GLY C 157 13.00 -34.48 16.68
N PRO C 158 13.36 -35.70 16.35
CA PRO C 158 12.45 -36.64 15.75
C PRO C 158 11.41 -37.19 16.78
N GLY C 159 10.39 -37.82 16.28
CA GLY C 159 9.43 -38.52 17.09
C GLY C 159 8.41 -37.55 17.68
N LEU C 160 8.25 -37.58 19.01
CA LEU C 160 7.35 -36.69 19.69
C LEU C 160 7.59 -35.24 19.31
N GLY C 161 8.85 -34.84 19.13
CA GLY C 161 9.14 -33.49 18.81
C GLY C 161 8.52 -33.06 17.49
N GLU C 162 8.67 -33.89 16.48
CA GLU C 162 8.03 -33.65 15.19
C GLU C 162 6.54 -33.62 15.25
N TYR C 163 5.94 -34.52 16.04
CA TYR C 163 4.48 -34.55 16.24
C TYR C 163 3.97 -33.27 16.91
N MET C 164 4.71 -32.75 17.89
CA MET C 164 4.28 -31.54 18.53
C MET C 164 4.46 -30.29 17.69
N PHE C 165 5.56 -30.26 16.89
CA PHE C 165 5.73 -29.13 15.98
C PHE C 165 4.54 -29.15 14.94
N ASP C 166 4.20 -30.33 14.44
CA ASP C 166 3.12 -30.47 13.48
C ASP C 166 1.83 -29.97 14.03
N LYS C 167 1.51 -30.30 15.27
CA LYS C 167 0.31 -29.75 15.89
C LYS C 167 0.23 -28.27 15.88
N ASN C 168 1.34 -27.66 16.25
CA ASN C 168 1.47 -26.20 16.29
C ASN C 168 1.36 -25.57 14.93
N LEU C 169 1.80 -26.29 13.90
CA LEU C 169 1.60 -25.78 12.57
C LEU C 169 0.11 -25.76 12.24
N SER C 170 -0.61 -26.79 12.67
CA SER C 170 -2.03 -26.91 12.42
C SER C 170 -2.80 -25.79 13.13
N GLU C 171 -2.28 -25.43 14.29
CA GLU C 171 -2.69 -24.37 15.17
C GLU C 171 -3.49 -24.76 16.33
N SER D 2 -29.83 25.12 -40.02
CA SER D 2 -31.01 24.69 -39.24
C SER D 2 -30.67 24.76 -37.73
N LEU D 3 -31.71 24.95 -36.94
CA LEU D 3 -31.49 25.01 -35.60
C LEU D 3 -31.37 23.56 -35.04
N SER D 4 -30.75 23.43 -33.86
CA SER D 4 -30.83 22.20 -33.13
C SER D 4 -32.27 21.87 -32.70
N ARG D 5 -32.48 20.61 -32.49
CA ARG D 5 -33.84 20.08 -32.26
C ARG D 5 -34.55 20.73 -31.07
N PRO D 6 -33.83 20.86 -29.91
CA PRO D 6 -34.53 21.43 -28.75
C PRO D 6 -34.75 22.95 -28.84
N ARG D 7 -33.90 23.62 -29.60
CA ARG D 7 -33.90 25.08 -29.70
C ARG D 7 -35.24 25.81 -29.73
N GLN D 8 -35.50 26.67 -28.73
CA GLN D 8 -36.73 27.42 -28.79
C GLN D 8 -36.61 28.69 -27.90
N ASN D 9 -36.77 29.88 -28.51
CA ASN D 9 -36.62 31.10 -27.74
C ASN D 9 -35.24 31.29 -27.11
N TYR D 10 -34.18 30.87 -27.81
CA TYR D 10 -32.83 30.94 -27.25
C TYR D 10 -31.93 31.65 -28.26
N HIS D 11 -31.63 32.90 -27.97
CA HIS D 11 -30.95 33.81 -28.93
C HIS D 11 -29.46 33.44 -29.08
N THR D 12 -28.82 33.69 -30.25
N THR D 12 -28.97 33.63 -30.29
CA THR D 12 -27.34 33.53 -30.35
CA THR D 12 -27.59 33.47 -30.49
C THR D 12 -26.55 34.36 -29.40
C THR D 12 -26.68 34.29 -29.54
N GLU D 13 -27.07 35.52 -29.08
CA GLU D 13 -26.32 36.37 -28.14
C GLU D 13 -26.33 35.74 -26.75
N SER D 14 -27.46 35.17 -26.36
CA SER D 14 -27.52 34.42 -25.08
C SER D 14 -26.55 33.23 -25.01
N GLU D 15 -26.54 32.46 -26.09
CA GLU D 15 -25.62 31.30 -26.29
C GLU D 15 -24.20 31.76 -26.15
N SER D 16 -23.83 32.80 -26.89
N SER D 16 -23.77 32.80 -26.87
N SER D 16 -23.81 32.81 -26.87
CA SER D 16 -22.49 33.30 -26.81
CA SER D 16 -22.38 33.24 -26.77
CA SER D 16 -22.45 33.28 -26.80
C SER D 16 -22.10 33.74 -25.39
C SER D 16 -22.04 33.81 -25.38
C SER D 16 -22.08 33.76 -25.39
N ALA D 17 -22.99 34.54 -24.76
CA ALA D 17 -22.72 35.06 -23.45
C ALA D 17 -22.59 33.91 -22.42
N VAL D 18 -23.33 32.81 -22.57
CA VAL D 18 -23.19 31.63 -21.73
C VAL D 18 -21.82 31.05 -21.88
N ASN D 19 -21.31 30.93 -23.12
CA ASN D 19 -19.89 30.43 -23.29
C ASN D 19 -18.88 31.34 -22.61
N LYS D 20 -19.06 32.69 -22.70
CA LYS D 20 -18.13 33.71 -22.05
C LYS D 20 -18.17 33.43 -20.50
N GLN D 21 -19.40 33.24 -19.96
CA GLN D 21 -19.56 33.04 -18.55
C GLN D 21 -18.92 31.74 -18.03
N ILE D 22 -19.07 30.71 -18.82
CA ILE D 22 -18.40 29.41 -18.51
C ILE D 22 -16.88 29.70 -18.35
N ASN D 23 -16.25 30.39 -19.32
CA ASN D 23 -14.85 30.67 -19.23
C ASN D 23 -14.48 31.45 -17.97
N LEU D 24 -15.30 32.49 -17.70
CA LEU D 24 -15.08 33.31 -16.52
C LEU D 24 -15.11 32.55 -15.19
N GLU D 25 -16.04 31.62 -15.09
CA GLU D 25 -16.16 30.81 -13.88
C GLU D 25 -15.02 29.80 -13.78
N LEU D 26 -14.60 29.18 -14.91
CA LEU D 26 -13.43 28.35 -14.87
C LEU D 26 -12.20 29.16 -14.44
N TYR D 27 -12.03 30.35 -14.96
CA TYR D 27 -10.99 31.23 -14.58
C TYR D 27 -11.00 31.58 -13.08
N ALA D 28 -12.16 31.91 -12.58
CA ALA D 28 -12.30 32.19 -11.17
C ALA D 28 -11.94 30.93 -10.32
N SER D 29 -12.35 29.73 -10.79
CA SER D 29 -12.02 28.55 -10.05
C SER D 29 -10.52 28.36 -9.98
N TYR D 30 -9.84 28.68 -11.07
CA TYR D 30 -8.33 28.59 -11.15
C TYR D 30 -7.63 29.58 -10.25
N VAL D 31 -8.18 30.80 -10.20
CA VAL D 31 -7.62 31.84 -9.26
C VAL D 31 -7.78 31.30 -7.79
N TYR D 32 -8.97 30.76 -7.48
CA TYR D 32 -9.15 30.25 -6.10
C TYR D 32 -8.28 29.03 -5.81
N GLN D 33 -8.07 28.17 -6.80
N GLN D 33 -8.00 28.20 -6.80
CA GLN D 33 -7.11 27.06 -6.72
CA GLN D 33 -7.09 27.08 -6.58
C GLN D 33 -5.74 27.59 -6.30
C GLN D 33 -5.71 27.63 -6.24
N SER D 34 -5.24 28.57 -7.05
CA SER D 34 -3.92 29.17 -6.83
C SER D 34 -3.84 29.72 -5.42
N MET D 35 -4.86 30.45 -5.01
CA MET D 35 -4.91 31.02 -3.67
C MET D 35 -4.88 29.93 -2.59
N SER D 36 -5.70 28.92 -2.79
CA SER D 36 -5.80 27.79 -1.85
C SER D 36 -4.45 27.10 -1.68
N ARG D 37 -3.75 26.79 -2.75
CA ARG D 37 -2.47 26.13 -2.60
C ARG D 37 -1.41 27.00 -1.99
N TYR D 38 -1.39 28.27 -2.33
CA TYR D 38 -0.49 29.27 -1.70
C TYR D 38 -0.54 29.25 -0.18
N PHE D 39 -1.77 29.13 0.34
CA PHE D 39 -1.96 29.16 1.76
C PHE D 39 -1.49 27.87 2.49
N ASN D 40 -1.14 26.84 1.76
N ASN D 40 -1.30 26.78 1.75
CA ASN D 40 -0.55 25.68 2.37
CA ASN D 40 -0.62 25.60 2.26
C ASN D 40 0.97 25.57 2.14
C ASN D 40 0.93 25.61 2.19
N ARG D 41 1.55 26.59 1.54
CA ARG D 41 3.02 26.70 1.47
C ARG D 41 3.55 26.65 2.93
N ASP D 42 4.75 26.06 3.08
CA ASP D 42 5.37 25.98 4.45
C ASP D 42 5.60 27.36 5.08
N ASP D 43 5.81 28.41 4.24
CA ASP D 43 6.22 29.73 4.68
C ASP D 43 4.92 30.64 4.73
N VAL D 44 3.74 30.04 4.61
CA VAL D 44 2.43 30.73 4.70
C VAL D 44 1.63 29.99 5.75
N ALA D 45 1.31 28.72 5.56
CA ALA D 45 0.80 27.79 6.58
C ALA D 45 -0.44 28.28 7.32
N LEU D 46 -1.49 28.63 6.53
CA LEU D 46 -2.77 29.02 7.07
C LEU D 46 -3.80 28.04 6.52
N LYS D 47 -4.13 26.96 7.25
CA LYS D 47 -4.97 25.88 6.72
C LYS D 47 -6.43 26.34 6.57
N GLY D 48 -6.88 27.27 7.39
CA GLY D 48 -8.21 27.76 7.23
C GLY D 48 -8.45 28.58 5.98
N PHE D 49 -7.51 29.42 5.61
CA PHE D 49 -7.60 30.10 4.33
C PHE D 49 -7.46 29.04 3.21
N HIS D 50 -6.52 28.09 3.36
CA HIS D 50 -6.40 27.01 2.38
C HIS D 50 -7.77 26.35 2.10
N LYS D 51 -8.47 25.93 3.18
CA LYS D 51 -9.74 25.28 3.05
C LYS D 51 -10.85 26.21 2.44
N TYR D 52 -10.85 27.47 2.86
CA TYR D 52 -11.84 28.40 2.39
C TYR D 52 -11.74 28.58 0.86
N PHE D 53 -10.52 28.75 0.40
CA PHE D 53 -10.34 28.99 -1.04
C PHE D 53 -10.48 27.66 -1.83
N LYS D 54 -10.19 26.54 -1.26
CA LYS D 54 -10.47 25.26 -1.89
C LYS D 54 -11.95 25.17 -2.19
N LYS D 55 -12.79 25.43 -1.16
CA LYS D 55 -14.23 25.32 -1.32
C LYS D 55 -14.67 26.35 -2.43
N ALA D 56 -14.15 27.56 -2.40
CA ALA D 56 -14.45 28.64 -3.41
C ALA D 56 -14.15 28.06 -4.79
N SER D 57 -12.98 27.43 -4.93
CA SER D 57 -12.57 26.91 -6.23
C SER D 57 -13.49 25.82 -6.71
N GLU D 58 -13.91 24.93 -5.83
CA GLU D 58 -14.85 23.90 -6.21
C GLU D 58 -16.21 24.48 -6.63
N GLU D 59 -16.68 25.46 -5.87
CA GLU D 59 -17.98 26.06 -6.19
C GLU D 59 -17.95 26.75 -7.54
N GLU D 60 -16.89 27.45 -7.84
N GLU D 60 -16.91 27.49 -7.84
CA GLU D 60 -16.80 28.10 -9.14
CA GLU D 60 -16.79 28.13 -9.15
C GLU D 60 -16.82 27.08 -10.30
C GLU D 60 -16.86 27.09 -10.28
N ARG D 61 -16.13 25.99 -10.11
CA ARG D 61 -16.12 24.97 -11.11
C ARG D 61 -17.55 24.40 -11.26
N GLN D 62 -18.26 24.14 -10.14
CA GLN D 62 -19.60 23.67 -10.19
C GLN D 62 -20.52 24.66 -10.98
N HIS D 63 -20.36 25.93 -10.74
N HIS D 63 -20.35 25.96 -10.72
CA HIS D 63 -21.19 26.88 -11.48
CA HIS D 63 -21.09 27.01 -11.49
C HIS D 63 -20.84 26.94 -13.00
C HIS D 63 -20.87 26.83 -13.01
N ALA D 64 -19.59 26.73 -13.37
CA ALA D 64 -19.25 26.60 -14.77
C ALA D 64 -19.92 25.39 -15.39
N GLU D 65 -19.85 24.24 -14.69
N GLU D 65 -19.91 24.28 -14.65
CA GLU D 65 -20.48 23.01 -15.13
CA GLU D 65 -20.51 23.06 -15.11
C GLU D 65 -22.02 23.15 -15.25
C GLU D 65 -22.02 23.16 -15.26
N LYS D 66 -22.66 23.91 -14.36
CA LYS D 66 -24.12 24.09 -14.46
C LYS D 66 -24.44 24.94 -15.73
N LEU D 67 -23.57 25.87 -16.04
CA LEU D 67 -23.73 26.63 -17.30
C LEU D 67 -23.52 25.77 -18.56
N MET D 68 -22.52 24.87 -18.53
CA MET D 68 -22.31 23.92 -19.59
C MET D 68 -23.58 23.11 -19.82
N GLU D 69 -24.11 22.49 -18.76
N GLU D 69 -24.15 22.55 -18.75
CA GLU D 69 -25.35 21.71 -18.88
CA GLU D 69 -25.36 21.74 -18.91
C GLU D 69 -26.45 22.55 -19.43
C GLU D 69 -26.52 22.53 -19.39
N TYR D 70 -26.62 23.76 -18.95
CA TYR D 70 -27.68 24.63 -19.42
C TYR D 70 -27.59 24.97 -20.94
N GLN D 71 -26.38 25.23 -21.40
CA GLN D 71 -26.13 25.48 -22.80
C GLN D 71 -26.70 24.31 -23.59
N SER D 72 -26.32 23.05 -23.32
CA SER D 72 -26.78 21.93 -24.08
C SER D 72 -28.26 21.68 -23.92
N THR D 73 -28.81 21.91 -22.70
CA THR D 73 -30.28 21.77 -22.51
C THR D 73 -31.09 22.65 -23.39
N ARG D 74 -30.60 23.84 -23.59
CA ARG D 74 -31.34 24.82 -24.45
C ARG D 74 -31.08 24.53 -25.94
N GLY D 75 -30.11 23.68 -26.29
CA GLY D 75 -29.77 23.44 -27.67
C GLY D 75 -28.62 24.25 -28.18
N GLY D 76 -27.95 25.05 -27.34
CA GLY D 76 -26.74 25.72 -27.67
C GLY D 76 -25.57 24.79 -27.72
N ARG D 77 -24.41 25.34 -28.15
CA ARG D 77 -23.22 24.46 -28.30
C ARG D 77 -22.12 25.09 -27.43
N ILE D 78 -21.59 24.28 -26.50
CA ILE D 78 -20.50 24.68 -25.64
C ILE D 78 -19.24 24.96 -26.53
N MET D 79 -18.61 26.10 -26.29
CA MET D 79 -17.37 26.51 -26.98
C MET D 79 -16.41 26.84 -25.86
N LEU D 80 -15.34 26.06 -25.69
CA LEU D 80 -14.33 26.30 -24.66
C LEU D 80 -13.15 27.07 -25.19
N SER D 81 -12.59 27.90 -24.30
CA SER D 81 -11.44 28.79 -24.57
C SER D 81 -10.33 28.45 -23.54
N ASP D 82 -9.13 28.96 -23.80
CA ASP D 82 -8.02 28.74 -22.83
C ASP D 82 -8.50 29.32 -21.45
N ILE D 83 -8.15 28.62 -20.34
CA ILE D 83 -8.35 29.13 -19.04
C ILE D 83 -7.04 29.82 -18.68
N LYS D 84 -7.09 31.11 -18.67
CA LYS D 84 -5.92 31.98 -18.41
C LYS D 84 -5.38 31.75 -17.00
N ARG D 85 -4.08 31.77 -16.88
CA ARG D 85 -3.46 31.70 -15.55
C ARG D 85 -3.76 32.99 -14.73
N PRO D 86 -3.82 32.80 -13.44
CA PRO D 86 -4.10 34.01 -12.56
C PRO D 86 -3.04 35.10 -12.66
N GLU D 87 -3.35 36.30 -12.21
CA GLU D 87 -2.48 37.46 -12.27
C GLU D 87 -1.23 37.35 -11.43
N ASN D 88 -1.34 36.56 -10.35
CA ASN D 88 -0.25 36.45 -9.41
CA ASN D 88 -0.27 36.43 -9.31
C ASN D 88 0.09 34.98 -9.20
N ASP D 89 1.32 34.75 -8.73
CA ASP D 89 1.74 33.45 -8.20
C ASP D 89 1.58 33.33 -6.70
N GLU D 90 1.59 34.47 -6.03
CA GLU D 90 1.42 34.53 -4.58
CA GLU D 90 1.59 34.65 -4.55
C GLU D 90 0.51 35.66 -4.17
N TRP D 91 -0.06 35.52 -2.98
CA TRP D 91 -1.33 36.22 -2.67
C TRP D 91 -1.32 37.01 -1.37
N GLY D 92 -0.16 37.13 -0.73
CA GLY D 92 0.04 38.05 0.39
C GLY D 92 -0.55 37.43 1.70
N THR D 93 -1.10 38.36 2.52
CA THR D 93 -1.71 37.99 3.78
C THR D 93 -3.11 37.46 3.57
N GLY D 94 -3.73 36.95 4.65
CA GLY D 94 -5.12 36.60 4.61
C GLY D 94 -5.98 37.77 4.18
N LEU D 95 -5.76 38.90 4.77
CA LEU D 95 -6.51 40.09 4.43
C LEU D 95 -6.37 40.46 2.97
N GLU D 96 -5.12 40.42 2.46
CA GLU D 96 -4.95 40.75 1.04
C GLU D 96 -5.69 39.79 0.15
N ALA D 97 -5.61 38.54 0.46
CA ALA D 97 -6.29 37.54 -0.35
C ALA D 97 -7.84 37.67 -0.28
N MET D 98 -8.42 37.97 0.91
CA MET D 98 -9.84 38.25 0.98
C MET D 98 -10.22 39.49 0.14
N GLU D 99 -9.42 40.54 0.16
N GLU D 99 -9.39 40.53 0.13
CA GLU D 99 -9.68 41.68 -0.78
CA GLU D 99 -9.63 41.71 -0.78
C GLU D 99 -9.66 41.20 -2.23
C GLU D 99 -9.54 41.36 -2.26
N THR D 100 -8.65 40.43 -2.57
CA THR D 100 -8.60 39.88 -3.95
C THR D 100 -9.87 39.09 -4.28
N ALA D 101 -10.32 38.24 -3.37
CA ALA D 101 -11.49 37.42 -3.55
C ALA D 101 -12.69 38.33 -3.73
N LEU D 102 -12.83 39.38 -2.93
CA LEU D 102 -14.03 40.24 -3.13
C LEU D 102 -14.05 40.91 -4.50
N ASN D 103 -12.87 41.35 -4.98
CA ASN D 103 -12.85 41.99 -6.28
C ASN D 103 -13.26 40.93 -7.37
N LEU D 104 -12.78 39.68 -7.23
CA LEU D 104 -13.16 38.61 -8.17
C LEU D 104 -14.70 38.35 -8.14
N GLU D 105 -15.25 38.25 -6.91
CA GLU D 105 -16.64 37.97 -6.79
C GLU D 105 -17.50 39.10 -7.40
N LYS D 106 -17.14 40.34 -7.17
N LYS D 106 -17.11 40.32 -7.17
CA LYS D 106 -17.81 41.49 -7.79
CA LYS D 106 -17.84 41.42 -7.74
C LYS D 106 -17.71 41.50 -9.29
C LYS D 106 -17.74 41.42 -9.27
N ASN D 107 -16.59 41.06 -9.83
CA ASN D 107 -16.45 41.00 -11.28
CA ASN D 107 -16.46 40.95 -11.26
C ASN D 107 -17.33 39.87 -11.91
N VAL D 108 -17.39 38.72 -11.21
CA VAL D 108 -18.19 37.60 -11.63
C VAL D 108 -19.69 38.03 -11.52
N ASN D 109 -20.03 38.77 -10.46
CA ASN D 109 -21.43 39.25 -10.25
C ASN D 109 -21.85 40.21 -11.37
N GLN D 110 -21.00 41.13 -11.75
CA GLN D 110 -21.31 42.08 -12.81
C GLN D 110 -21.52 41.31 -14.11
N SER D 111 -20.69 40.30 -14.42
CA SER D 111 -20.91 39.50 -15.57
C SER D 111 -22.22 38.78 -15.53
N LEU D 112 -22.59 38.21 -14.38
CA LEU D 112 -23.90 37.55 -14.24
C LEU D 112 -25.07 38.51 -14.46
N LEU D 113 -24.95 39.74 -13.89
CA LEU D 113 -25.98 40.74 -14.13
C LEU D 113 -26.07 41.13 -15.59
N ASP D 114 -24.95 41.15 -16.31
CA ASP D 114 -24.99 41.46 -17.73
C ASP D 114 -25.63 40.31 -18.50
N LEU D 115 -25.33 39.07 -18.08
CA LEU D 115 -25.90 37.89 -18.68
C LEU D 115 -27.43 37.88 -18.52
N HIS D 116 -27.92 38.28 -17.30
CA HIS D 116 -29.33 38.44 -17.05
C HIS D 116 -29.96 39.51 -17.99
N LYS D 117 -29.28 40.63 -18.16
CA LYS D 117 -29.73 41.72 -19.07
C LYS D 117 -29.87 41.18 -20.51
N THR D 118 -28.95 40.36 -20.90
CA THR D 118 -29.01 39.69 -22.22
C THR D 118 -30.26 38.88 -22.35
N ALA D 119 -30.50 38.04 -21.37
CA ALA D 119 -31.65 37.20 -21.39
C ALA D 119 -32.98 38.07 -21.42
N GLU D 120 -32.97 39.15 -20.65
CA GLU D 120 -34.13 40.00 -20.60
C GLU D 120 -34.38 40.72 -21.93
N LYS D 121 -33.30 41.20 -22.51
CA LYS D 121 -33.43 41.92 -23.79
C LYS D 121 -34.09 40.96 -24.88
N HIS D 122 -33.68 39.70 -24.85
CA HIS D 122 -34.24 38.75 -25.77
C HIS D 122 -35.49 37.97 -25.29
N VAL D 123 -36.09 38.52 -24.22
CA VAL D 123 -37.36 38.06 -23.68
C VAL D 123 -37.27 36.51 -23.44
N ASP D 124 -36.19 36.11 -22.77
CA ASP D 124 -35.95 34.73 -22.42
C ASP D 124 -36.23 34.58 -20.93
N ALA D 125 -37.52 34.39 -20.69
CA ALA D 125 -38.00 34.23 -19.34
C ALA D 125 -37.39 33.04 -18.52
N GLN D 126 -37.22 31.94 -19.20
CA GLN D 126 -36.69 30.77 -18.57
C GLN D 126 -35.22 31.07 -18.14
N MET D 127 -34.46 31.66 -19.06
CA MET D 127 -33.06 31.96 -18.76
C MET D 127 -32.88 32.91 -17.56
N GLN D 128 -33.76 33.91 -17.51
CA GLN D 128 -33.74 34.87 -16.46
C GLN D 128 -33.91 34.14 -15.11
N ASP D 129 -34.93 33.29 -15.07
CA ASP D 129 -35.20 32.44 -13.88
CA ASP D 129 -35.14 32.49 -13.81
C ASP D 129 -34.05 31.40 -13.39
N PHE D 130 -33.42 30.93 -14.46
CA PHE D 130 -32.26 30.04 -14.27
C PHE D 130 -31.19 30.85 -13.60
N ILE D 131 -30.88 32.06 -14.12
CA ILE D 131 -29.78 32.87 -13.61
C ILE D 131 -30.06 33.36 -12.17
N GLU D 132 -31.26 33.82 -11.98
CA GLU D 132 -31.66 34.32 -10.65
C GLU D 132 -31.49 33.23 -9.58
N GLU D 133 -32.05 32.09 -9.84
CA GLU D 133 -32.08 31.01 -8.87
C GLU D 133 -30.73 30.36 -8.60
N ASN D 134 -29.99 30.14 -9.66
CA ASN D 134 -28.75 29.42 -9.52
C ASN D 134 -27.49 30.17 -9.30
N PHE D 135 -27.48 31.46 -9.64
N PHE D 135 -27.52 31.49 -9.51
CA PHE D 135 -26.30 32.32 -9.56
CA PHE D 135 -26.32 32.31 -9.41
C PHE D 135 -26.47 33.55 -8.66
C PHE D 135 -26.41 33.64 -8.70
N LEU D 136 -27.48 34.39 -8.93
CA LEU D 136 -27.53 35.71 -8.37
C LEU D 136 -27.65 35.70 -6.84
N ARG D 137 -28.44 34.81 -6.28
CA ARG D 137 -28.57 34.77 -4.81
C ARG D 137 -27.25 34.44 -4.15
N GLU D 138 -26.64 33.37 -4.62
N GLU D 138 -26.63 33.38 -4.62
CA GLU D 138 -25.34 32.94 -4.06
CA GLU D 138 -25.35 32.97 -4.04
C GLU D 138 -24.30 34.07 -4.08
C GLU D 138 -24.29 34.08 -4.07
N GLN D 139 -24.26 34.82 -5.18
CA GLN D 139 -23.29 35.86 -5.33
C GLN D 139 -23.44 36.98 -4.30
N VAL D 140 -24.68 37.42 -4.05
N VAL D 140 -24.70 37.31 -4.03
CA VAL D 140 -24.80 38.55 -3.07
CA VAL D 140 -25.01 38.33 -3.01
C VAL D 140 -24.37 38.06 -1.70
C VAL D 140 -24.64 37.74 -1.63
N GLU D 141 -24.66 36.80 -1.40
N GLU D 141 -24.90 36.46 -1.38
CA GLU D 141 -24.24 36.18 -0.07
CA GLU D 141 -24.52 35.91 -0.04
C GLU D 141 -22.71 36.17 0.10
C GLU D 141 -22.97 35.94 0.15
N SER D 142 -22.03 35.69 -0.95
N SER D 142 -22.23 35.61 -0.91
N SER D 142 -22.36 35.70 -0.97
CA SER D 142 -20.58 35.59 -0.97
CA SER D 142 -20.76 35.56 -0.83
CA SER D 142 -20.92 35.57 -0.94
C SER D 142 -19.98 36.96 -0.79
C SER D 142 -20.06 36.92 -0.78
C SER D 142 -20.17 36.89 -0.73
N ILE D 143 -20.59 37.93 -1.48
CA ILE D 143 -20.03 39.28 -1.39
C ILE D 143 -20.18 39.84 0.05
N LYS D 144 -21.37 39.55 0.64
CA LYS D 144 -21.61 39.95 2.06
C LYS D 144 -20.61 39.23 3.00
N GLU D 145 -20.52 37.90 2.84
CA GLU D 145 -19.60 37.13 3.72
C GLU D 145 -18.18 37.59 3.65
N ILE D 146 -17.64 37.74 2.39
CA ILE D 146 -16.27 38.20 2.22
C ILE D 146 -16.06 39.61 2.86
N SER D 147 -17.06 40.49 2.68
CA SER D 147 -16.99 41.77 3.25
C SER D 147 -16.93 41.72 4.80
N ASP D 148 -17.75 40.83 5.42
CA ASP D 148 -17.65 40.59 6.86
C ASP D 148 -16.20 40.10 7.26
N HIS D 149 -15.66 39.18 6.47
CA HIS D 149 -14.29 38.68 6.74
C HIS D 149 -13.27 39.75 6.70
N ILE D 150 -13.35 40.69 5.71
CA ILE D 150 -12.42 41.75 5.66
C ILE D 150 -12.44 42.69 6.85
N THR D 151 -13.70 43.01 7.29
CA THR D 151 -13.84 43.79 8.53
C THR D 151 -13.14 43.07 9.71
N ASN D 152 -13.37 41.78 9.87
CA ASN D 152 -12.77 41.04 10.95
C ASN D 152 -11.27 40.87 10.84
N LEU D 153 -10.75 40.72 9.61
CA LEU D 153 -9.34 40.65 9.47
C LEU D 153 -8.65 41.94 9.82
N LYS D 154 -9.27 43.09 9.49
CA LYS D 154 -8.81 44.39 9.94
C LYS D 154 -8.88 44.57 11.47
N ARG D 155 -9.95 44.06 12.06
CA ARG D 155 -10.16 44.13 13.51
C ARG D 155 -9.18 43.28 14.32
N VAL D 156 -8.81 42.10 13.81
CA VAL D 156 -7.87 41.25 14.60
C VAL D 156 -6.41 41.64 14.41
N GLY D 157 -6.07 42.28 13.30
CA GLY D 157 -4.73 42.66 12.96
C GLY D 157 -3.79 41.50 12.58
N PRO D 158 -2.57 41.86 12.30
CA PRO D 158 -1.63 40.83 11.88
C PRO D 158 -1.17 39.92 13.04
N GLY D 159 -0.47 38.87 12.70
CA GLY D 159 0.18 38.03 13.72
C GLY D 159 -0.83 37.07 14.35
N LEU D 160 -0.90 37.13 15.72
CA LEU D 160 -1.81 36.31 16.44
C LEU D 160 -3.23 36.51 15.94
N GLY D 161 -3.61 37.73 15.59
CA GLY D 161 -4.99 37.93 15.14
C GLY D 161 -5.34 37.16 13.88
N GLU D 162 -4.41 37.19 12.89
CA GLU D 162 -4.54 36.36 11.71
C GLU D 162 -4.62 34.88 11.95
N TYR D 163 -3.76 34.42 12.88
CA TYR D 163 -3.79 33.01 13.26
C TYR D 163 -5.14 32.58 13.86
N MET D 164 -5.67 33.44 14.72
CA MET D 164 -6.95 33.10 15.34
C MET D 164 -8.17 33.18 14.40
N PHE D 165 -8.12 34.15 13.47
CA PHE D 165 -9.13 34.20 12.45
C PHE D 165 -9.09 32.89 11.58
N ASP D 166 -7.88 32.49 11.19
CA ASP D 166 -7.72 31.33 10.40
C ASP D 166 -8.25 30.07 11.10
N LYS D 167 -8.01 29.92 12.38
CA LYS D 167 -8.61 28.79 13.15
C LYS D 167 -10.09 28.75 13.06
N ASN D 168 -10.67 29.94 13.20
CA ASN D 168 -12.10 30.05 13.11
C ASN D 168 -12.67 29.74 11.74
N LEU D 169 -11.88 30.02 10.71
CA LEU D 169 -12.30 29.65 9.38
C LEU D 169 -12.29 28.13 9.28
N SER D 170 -11.28 27.48 9.85
CA SER D 170 -11.18 26.03 9.80
C SER D 170 -12.38 25.41 10.53
N GLU D 171 -12.84 26.15 11.54
CA GLU D 171 -14.00 25.91 12.38
C GLU D 171 -13.68 25.15 13.59
N SER E 2 30.43 -18.90 6.72
CA SER E 2 29.04 -19.40 6.45
C SER E 2 28.00 -18.27 6.74
N LEU E 3 27.15 -18.07 5.79
CA LEU E 3 26.16 -17.12 5.92
C LEU E 3 25.04 -17.72 6.81
N SER E 4 24.19 -16.82 7.35
CA SER E 4 23.05 -17.23 8.02
C SER E 4 22.03 -17.85 7.00
N ARG E 5 21.14 -18.68 7.50
CA ARG E 5 20.25 -19.45 6.67
C ARG E 5 19.40 -18.59 5.71
N PRO E 6 18.75 -17.51 6.20
CA PRO E 6 17.88 -16.74 5.31
C PRO E 6 18.66 -15.88 4.32
N ARG E 7 19.95 -15.63 4.56
CA ARG E 7 20.62 -14.52 3.87
C ARG E 7 20.64 -14.74 2.37
N GLN E 8 20.21 -13.67 1.66
CA GLN E 8 20.19 -13.78 0.19
C GLN E 8 20.21 -12.33 -0.38
N ASN E 9 21.25 -11.95 -1.12
CA ASN E 9 21.31 -10.61 -1.70
C ASN E 9 21.38 -9.46 -0.67
N TYR E 10 21.98 -9.75 0.48
CA TYR E 10 22.09 -8.79 1.59
C TYR E 10 23.55 -8.52 1.92
N HIS E 11 24.00 -7.37 1.50
CA HIS E 11 25.48 -7.07 1.60
C HIS E 11 25.84 -6.74 3.06
N THR E 12 27.11 -6.94 3.38
N THR E 12 27.06 -7.08 3.37
CA THR E 12 27.57 -6.57 4.69
CA THR E 12 27.63 -6.69 4.60
C THR E 12 27.54 -5.07 4.91
C THR E 12 27.60 -5.17 4.87
N GLU E 13 27.71 -4.29 3.85
CA GLU E 13 27.64 -2.84 4.01
C GLU E 13 26.21 -2.40 4.39
N SER E 14 25.22 -3.01 3.75
CA SER E 14 23.82 -2.78 4.13
C SER E 14 23.52 -3.15 5.57
N GLU E 15 24.00 -4.30 5.94
CA GLU E 15 23.86 -4.78 7.33
C GLU E 15 24.43 -3.76 8.32
N SER E 16 25.65 -3.31 8.10
N SER E 16 25.64 -3.30 8.07
N SER E 16 25.63 -3.27 8.10
CA SER E 16 26.28 -2.32 8.96
CA SER E 16 26.30 -2.33 8.93
CA SER E 16 26.25 -2.33 9.03
C SER E 16 25.48 -1.02 9.01
C SER E 16 25.55 -0.98 8.98
C SER E 16 25.60 -0.91 8.98
N ALA E 17 25.06 -0.52 7.81
CA ALA E 17 24.38 0.74 7.72
C ALA E 17 23.05 0.64 8.47
N VAL E 18 22.36 -0.51 8.42
CA VAL E 18 21.12 -0.76 9.20
C VAL E 18 21.44 -0.60 10.70
N ASN E 19 22.51 -1.21 11.19
CA ASN E 19 22.84 -1.01 12.59
C ASN E 19 23.12 0.41 12.98
N LYS E 20 23.84 1.13 12.12
N LYS E 20 23.80 1.20 12.11
CA LYS E 20 24.08 2.56 12.35
CA LYS E 20 24.03 2.67 12.38
C LYS E 20 22.73 3.27 12.45
C LYS E 20 22.72 3.43 12.39
N GLN E 21 21.79 3.04 11.51
CA GLN E 21 20.50 3.75 11.49
C GLN E 21 19.68 3.42 12.72
N ILE E 22 19.77 2.18 13.17
CA ILE E 22 19.11 1.77 14.47
C ILE E 22 19.60 2.68 15.57
N ASN E 23 20.91 2.88 15.69
CA ASN E 23 21.43 3.79 16.71
C ASN E 23 20.92 5.23 16.61
N LEU E 24 20.94 5.77 15.37
CA LEU E 24 20.47 7.09 15.05
C LEU E 24 19.05 7.31 15.48
N GLU E 25 18.18 6.35 15.18
CA GLU E 25 16.78 6.49 15.54
C GLU E 25 16.55 6.39 17.05
N LEU E 26 17.26 5.48 17.72
CA LEU E 26 17.20 5.46 19.14
C LEU E 26 17.69 6.76 19.75
N TYR E 27 18.77 7.36 19.22
CA TYR E 27 19.22 8.66 19.62
C TYR E 27 18.21 9.76 19.46
N ALA E 28 17.57 9.74 18.31
CA ALA E 28 16.56 10.73 18.01
C ALA E 28 15.38 10.54 19.03
N SER E 29 14.98 9.30 19.32
CA SER E 29 13.94 9.06 20.29
C SER E 29 14.32 9.68 21.63
N TYR E 30 15.58 9.54 22.01
CA TYR E 30 16.06 10.08 23.29
C TYR E 30 16.02 11.62 23.30
N VAL E 31 16.46 12.22 22.21
CA VAL E 31 16.40 13.66 22.12
C VAL E 31 14.93 14.16 22.26
N TYR E 32 13.99 13.49 21.58
CA TYR E 32 12.60 13.90 21.74
C TYR E 32 12.04 13.63 23.11
N GLN E 33 12.46 12.54 23.73
N GLN E 33 12.49 12.58 23.75
CA GLN E 33 12.14 12.23 25.14
CA GLN E 33 12.05 12.33 25.13
C GLN E 33 12.51 13.45 26.01
C GLN E 33 12.50 13.49 26.01
N SER E 34 13.75 13.91 25.87
CA SER E 34 14.30 15.03 26.67
C SER E 34 13.47 16.28 26.43
N MET E 35 13.19 16.57 25.17
N MET E 35 13.19 16.57 25.17
CA MET E 35 12.38 17.73 24.82
CA MET E 35 12.38 17.73 24.82
C MET E 35 11.02 17.63 25.50
C MET E 35 11.02 17.63 25.50
N SER E 36 10.35 16.52 25.27
CA SER E 36 9.07 16.26 25.85
C SER E 36 9.01 16.55 27.33
N ARG E 37 9.93 15.95 28.08
CA ARG E 37 9.83 16.11 29.50
C ARG E 37 10.18 17.56 29.89
N TYR E 38 11.11 18.24 29.22
CA TYR E 38 11.41 19.65 29.46
C TYR E 38 10.19 20.57 29.39
N PHE E 39 9.29 20.25 28.48
CA PHE E 39 8.10 21.08 28.32
C PHE E 39 7.04 20.87 29.45
N ASN E 40 7.20 19.81 30.23
CA ASN E 40 6.32 19.61 31.38
C ASN E 40 6.97 20.16 32.70
N ARG E 41 8.17 20.73 32.63
CA ARG E 41 8.75 21.43 33.81
C ARG E 41 7.74 22.45 34.29
N ASP E 42 7.70 22.67 35.63
CA ASP E 42 6.79 23.72 36.17
C ASP E 42 7.06 25.14 35.63
N ASP E 43 8.31 25.45 35.22
CA ASP E 43 8.73 26.73 34.79
C ASP E 43 8.72 26.86 33.24
N VAL E 44 8.14 25.81 32.57
CA VAL E 44 7.95 25.81 31.10
C VAL E 44 6.48 25.59 30.86
N ALA E 45 5.91 24.47 31.27
CA ALA E 45 4.47 24.25 31.39
C ALA E 45 3.70 24.51 30.04
N LEU E 46 4.15 23.75 28.99
CA LEU E 46 3.46 23.79 27.68
C LEU E 46 3.07 22.39 27.33
N LYS E 47 1.89 21.92 27.72
CA LYS E 47 1.48 20.52 27.59
C LYS E 47 1.33 20.09 26.15
N GLY E 48 1.00 21.03 25.25
CA GLY E 48 0.98 20.68 23.84
C GLY E 48 2.30 20.32 23.20
N PHE E 49 3.32 21.07 23.55
CA PHE E 49 4.63 20.73 23.11
C PHE E 49 5.07 19.40 23.79
N HIS E 50 4.78 19.28 25.12
CA HIS E 50 5.07 18.01 25.84
C HIS E 50 4.50 16.79 25.00
N LYS E 51 3.22 16.89 24.64
CA LYS E 51 2.53 15.83 23.93
C LYS E 51 3.12 15.56 22.49
N TYR E 52 3.48 16.68 21.83
CA TYR E 52 3.95 16.58 20.45
C TYR E 52 5.29 15.87 20.42
N PHE E 53 6.14 16.23 21.39
CA PHE E 53 7.45 15.60 21.40
C PHE E 53 7.45 14.15 22.04
N LYS E 54 6.46 13.88 22.89
CA LYS E 54 6.21 12.52 23.31
C LYS E 54 5.89 11.61 22.17
N LYS E 55 4.99 12.06 21.29
CA LYS E 55 4.62 11.26 20.14
C LYS E 55 5.85 11.10 19.26
N ALA E 56 6.60 12.16 18.99
CA ALA E 56 7.82 12.07 18.18
C ALA E 56 8.78 11.03 18.71
N SER E 57 8.99 11.06 20.01
CA SER E 57 9.87 10.07 20.66
C SER E 57 9.42 8.62 20.48
N GLU E 58 8.13 8.40 20.65
CA GLU E 58 7.58 7.09 20.43
C GLU E 58 7.76 6.65 18.97
N GLU E 59 7.45 7.55 18.03
CA GLU E 59 7.58 7.19 16.65
C GLU E 59 9.03 6.83 16.26
N GLU E 60 9.98 7.56 16.80
N GLU E 60 9.98 7.58 16.76
CA GLU E 60 11.43 7.27 16.49
CA GLU E 60 11.40 7.30 16.47
C GLU E 60 11.89 5.89 17.06
C GLU E 60 11.76 5.90 17.00
N ARG E 61 11.39 5.54 18.26
N ARG E 61 11.34 5.63 18.24
CA ARG E 61 11.66 4.20 18.83
CA ARG E 61 11.56 4.34 18.85
C ARG E 61 11.00 3.13 17.92
C ARG E 61 11.00 3.22 17.95
N GLN E 62 9.75 3.40 17.43
CA GLN E 62 9.10 2.39 16.58
C GLN E 62 9.90 2.23 15.27
N HIS E 63 10.41 3.28 14.76
N HIS E 63 10.38 3.36 14.67
CA HIS E 63 11.22 3.06 13.55
CA HIS E 63 11.34 3.38 13.45
C HIS E 63 12.56 2.30 13.79
C HIS E 63 12.51 2.42 13.76
N ALA E 64 13.21 2.62 14.90
CA ALA E 64 14.36 1.80 15.29
C ALA E 64 14.02 0.33 15.40
N GLU E 65 12.88 0.01 16.05
CA GLU E 65 12.40 -1.38 16.17
C GLU E 65 12.09 -2.05 14.87
N LYS E 66 11.50 -1.24 13.92
CA LYS E 66 11.25 -1.80 12.59
C LYS E 66 12.55 -2.16 11.86
N LEU E 67 13.57 -1.35 12.07
CA LEU E 67 14.90 -1.66 11.52
C LEU E 67 15.56 -2.88 12.21
N MET E 68 15.37 -3.02 13.51
CA MET E 68 15.86 -4.19 14.21
C MET E 68 15.21 -5.49 13.59
N GLU E 69 13.90 -5.44 13.45
CA GLU E 69 13.19 -6.57 12.88
C GLU E 69 13.67 -6.86 11.47
N TYR E 70 13.83 -5.80 10.69
CA TYR E 70 14.31 -6.00 9.32
C TYR E 70 15.67 -6.66 9.23
N GLN E 71 16.59 -6.23 10.08
CA GLN E 71 17.95 -6.85 10.16
C GLN E 71 17.81 -8.34 10.31
N SER E 72 17.03 -8.81 11.31
CA SER E 72 16.97 -10.22 11.54
C SER E 72 16.24 -10.95 10.42
N THR E 73 15.18 -10.29 9.86
CA THR E 73 14.45 -10.90 8.73
C THR E 73 15.39 -11.21 7.54
N ARG E 74 16.28 -10.28 7.27
CA ARG E 74 17.23 -10.51 6.17
C ARG E 74 18.34 -11.46 6.54
N GLY E 75 18.52 -11.82 7.78
CA GLY E 75 19.60 -12.65 8.15
C GLY E 75 20.85 -11.93 8.71
N GLY E 76 20.74 -10.58 8.88
CA GLY E 76 21.71 -9.74 9.49
C GLY E 76 21.69 -9.97 10.96
N ARG E 77 22.69 -9.41 11.64
CA ARG E 77 22.80 -9.50 13.08
C ARG E 77 22.77 -8.09 13.68
N ILE E 78 21.83 -7.85 14.57
CA ILE E 78 21.72 -6.59 15.28
C ILE E 78 22.92 -6.35 16.20
N MET E 79 23.54 -5.19 16.08
CA MET E 79 24.68 -4.80 16.91
C MET E 79 24.32 -3.48 17.52
N LEU E 80 24.12 -3.43 18.80
CA LEU E 80 23.77 -2.23 19.48
C LEU E 80 24.97 -1.47 20.09
N SER E 81 24.87 -0.14 20.15
N SER E 81 24.87 -0.14 20.15
CA SER E 81 25.92 0.70 20.72
CA SER E 81 25.92 0.70 20.72
C SER E 81 25.28 1.73 21.64
C SER E 81 25.28 1.73 21.64
N ASP E 82 26.09 2.36 22.49
CA ASP E 82 25.58 3.33 23.40
C ASP E 82 24.62 4.28 22.71
N ILE E 83 23.53 4.64 23.43
CA ILE E 83 22.64 5.71 23.01
C ILE E 83 23.12 6.96 23.67
N LYS E 84 23.77 7.85 22.92
CA LYS E 84 24.34 9.08 23.45
C LYS E 84 23.30 10.00 24.01
N ARG E 85 23.64 10.68 25.11
CA ARG E 85 22.75 11.70 25.68
C ARG E 85 22.62 12.87 24.70
N PRO E 86 21.48 13.52 24.74
CA PRO E 86 21.28 14.71 23.88
C PRO E 86 22.29 15.84 24.18
N GLU E 87 22.41 16.83 23.25
CA GLU E 87 23.37 17.93 23.34
C GLU E 87 23.03 18.91 24.39
N ASN E 88 21.74 19.00 24.75
CA ASN E 88 21.28 19.97 25.75
CA ASN E 88 21.15 20.04 25.65
C ASN E 88 20.46 19.27 26.81
N ASP E 89 20.44 19.88 27.99
CA ASP E 89 19.46 19.51 29.04
C ASP E 89 18.13 20.29 28.98
N GLU E 90 18.23 21.48 28.51
CA GLU E 90 17.06 22.39 28.34
CA GLU E 90 17.07 22.42 28.36
C GLU E 90 16.93 22.86 26.75
N TRP E 91 15.73 23.24 26.42
CA TRP E 91 15.37 23.34 24.94
C TRP E 91 14.71 24.65 24.57
N GLY E 92 14.70 25.65 25.47
CA GLY E 92 14.31 26.98 25.13
C GLY E 92 12.78 27.17 24.94
N THR E 93 12.40 28.04 23.99
CA THR E 93 11.01 28.28 23.74
C THR E 93 10.43 27.19 22.82
N GLY E 94 9.11 27.23 22.58
CA GLY E 94 8.50 26.36 21.62
C GLY E 94 9.11 26.52 20.24
N LEU E 95 9.31 27.73 19.81
CA LEU E 95 9.94 27.93 18.56
C LEU E 95 11.33 27.36 18.45
N GLU E 96 12.16 27.62 19.48
CA GLU E 96 13.56 27.05 19.47
C GLU E 96 13.48 25.55 19.34
N ALA E 97 12.68 24.91 20.13
CA ALA E 97 12.57 23.46 20.10
C ALA E 97 12.08 22.92 18.75
N MET E 98 11.12 23.61 18.11
CA MET E 98 10.70 23.23 16.74
C MET E 98 11.85 23.38 15.76
N GLU E 99 12.64 24.40 15.87
CA GLU E 99 13.87 24.52 15.00
C GLU E 99 14.83 23.35 15.33
N THR E 100 15.02 23.02 16.59
CA THR E 100 15.90 21.87 16.91
C THR E 100 15.33 20.60 16.26
N ALA E 101 14.00 20.40 16.37
CA ALA E 101 13.32 19.25 15.80
C ALA E 101 13.58 19.20 14.31
N LEU E 102 13.37 20.31 13.64
CA LEU E 102 13.60 20.28 12.16
C LEU E 102 15.04 19.84 11.76
N ASN E 103 16.04 20.31 12.53
CA ASN E 103 17.41 19.95 12.24
C ASN E 103 17.57 18.44 12.46
N LEU E 104 16.99 17.89 13.55
CA LEU E 104 17.13 16.47 13.81
C LEU E 104 16.46 15.63 12.69
N GLU E 105 15.25 16.07 12.23
CA GLU E 105 14.50 15.36 11.20
C GLU E 105 15.27 15.39 9.90
N LYS E 106 15.88 16.49 9.58
CA LYS E 106 16.69 16.60 8.36
C LYS E 106 17.91 15.71 8.44
N ASN E 107 18.52 15.65 9.59
CA ASN E 107 19.70 14.78 9.76
CA ASN E 107 19.66 14.76 9.80
C ASN E 107 19.33 13.28 9.60
N VAL E 108 18.21 12.89 10.22
CA VAL E 108 17.72 11.56 10.11
C VAL E 108 17.35 11.26 8.63
N ASN E 109 16.73 12.24 7.97
CA ASN E 109 16.32 12.05 6.58
C ASN E 109 17.58 11.83 5.66
N GLN E 110 18.63 12.61 5.90
CA GLN E 110 19.84 12.42 5.08
C GLN E 110 20.49 11.07 5.33
N SER E 111 20.44 10.57 6.60
CA SER E 111 20.92 9.23 6.87
C SER E 111 20.13 8.18 6.15
N LEU E 112 18.78 8.35 6.14
CA LEU E 112 17.88 7.42 5.39
C LEU E 112 18.20 7.42 3.88
N LEU E 113 18.36 8.64 3.36
CA LEU E 113 18.72 8.73 1.99
C LEU E 113 20.03 8.04 1.64
N ASP E 114 21.00 8.14 2.55
CA ASP E 114 22.26 7.45 2.36
C ASP E 114 22.13 5.92 2.49
N LEU E 115 21.22 5.46 3.40
CA LEU E 115 20.94 4.06 3.57
C LEU E 115 20.30 3.51 2.25
N HIS E 116 19.41 4.29 1.66
CA HIS E 116 18.84 3.94 0.39
C HIS E 116 19.87 3.82 -0.73
N LYS E 117 20.81 4.75 -0.74
CA LYS E 117 21.86 4.71 -1.72
C LYS E 117 22.77 3.48 -1.53
N THR E 118 23.00 3.10 -0.27
CA THR E 118 23.69 1.84 0.01
C THR E 118 22.96 0.63 -0.64
N ALA E 119 21.66 0.57 -0.36
CA ALA E 119 20.86 -0.49 -0.90
C ALA E 119 20.88 -0.52 -2.45
N GLU E 120 20.83 0.65 -3.04
CA GLU E 120 20.86 0.75 -4.47
C GLU E 120 22.21 0.29 -5.06
N LYS E 121 23.27 0.74 -4.42
CA LYS E 121 24.67 0.37 -4.88
C LYS E 121 24.79 -1.17 -4.94
N HIS E 122 24.21 -1.82 -3.89
CA HIS E 122 24.26 -3.22 -3.85
C HIS E 122 23.14 -4.01 -4.50
N VAL E 123 22.34 -3.28 -5.26
CA VAL E 123 21.28 -3.87 -6.12
C VAL E 123 20.30 -4.68 -5.18
N ASP E 124 19.93 -4.05 -4.06
CA ASP E 124 19.05 -4.67 -3.07
C ASP E 124 17.68 -4.02 -3.23
N ALA E 125 16.97 -4.56 -4.19
CA ALA E 125 15.68 -4.03 -4.51
C ALA E 125 14.64 -4.04 -3.36
N GLN E 126 14.65 -5.17 -2.67
CA GLN E 126 13.73 -5.37 -1.54
C GLN E 126 14.01 -4.25 -0.45
N MET E 127 15.32 -4.06 -0.17
CA MET E 127 15.70 -3.04 0.83
C MET E 127 15.29 -1.63 0.44
N GLN E 128 15.45 -1.29 -0.89
CA GLN E 128 15.12 0.03 -1.37
C GLN E 128 13.61 0.26 -1.11
N ASP E 129 12.82 -0.73 -1.49
CA ASP E 129 11.35 -0.69 -1.23
CA ASP E 129 11.33 -0.57 -1.22
C ASP E 129 10.81 -0.54 0.28
N PHE E 130 11.57 -1.28 1.08
CA PHE E 130 11.38 -1.30 2.53
C PHE E 130 11.64 0.13 3.01
N ILE E 131 12.73 0.79 2.57
CA ILE E 131 13.12 2.10 3.07
C ILE E 131 12.11 3.15 2.58
N GLU E 132 11.73 3.05 1.31
CA GLU E 132 10.83 4.04 0.69
C GLU E 132 9.47 4.02 1.41
N GLU E 133 8.92 2.85 1.58
CA GLU E 133 7.60 2.69 2.16
C GLU E 133 7.52 2.99 3.64
N ASN E 134 8.53 2.59 4.38
CA ASN E 134 8.42 2.64 5.82
C ASN E 134 9.05 3.86 6.45
N PHE E 135 9.91 4.55 5.70
N PHE E 135 9.86 4.64 5.71
CA PHE E 135 10.69 5.68 6.24
CA PHE E 135 10.56 5.80 6.30
C PHE E 135 10.56 6.97 5.46
C PHE E 135 10.67 7.06 5.46
N LEU E 136 10.82 6.92 4.16
CA LEU E 136 11.04 8.13 3.39
C LEU E 136 9.77 9.02 3.29
N ARG E 137 8.63 8.41 3.14
CA ARG E 137 7.35 9.10 3.03
C ARG E 137 7.08 9.90 4.30
N GLU E 138 7.14 9.18 5.40
CA GLU E 138 6.94 9.80 6.71
C GLU E 138 7.87 11.01 6.97
N GLN E 139 9.14 10.90 6.55
CA GLN E 139 10.13 11.94 6.86
C GLN E 139 9.82 13.20 6.12
N VAL E 140 9.37 13.09 4.88
CA VAL E 140 9.09 14.34 4.14
CA VAL E 140 9.03 14.25 4.06
C VAL E 140 7.81 14.98 4.72
N GLU E 141 6.84 14.19 5.22
CA GLU E 141 5.61 14.75 5.85
CA GLU E 141 5.64 14.79 5.79
C GLU E 141 5.97 15.52 7.09
N SER E 142 6.83 14.90 7.89
CA SER E 142 7.26 15.49 9.14
CA SER E 142 7.17 15.54 9.15
CA SER E 142 7.29 15.48 9.11
C SER E 142 8.00 16.80 8.94
N ILE E 143 8.94 16.80 7.99
CA ILE E 143 9.74 18.00 7.67
C ILE E 143 8.78 19.19 7.29
N LYS E 144 7.83 18.84 6.44
CA LYS E 144 6.83 19.84 6.04
C LYS E 144 5.97 20.38 7.23
N GLU E 145 5.51 19.45 8.06
CA GLU E 145 4.73 19.82 9.22
C GLU E 145 5.50 20.74 10.19
N ILE E 146 6.73 20.34 10.52
CA ILE E 146 7.50 21.12 11.42
C ILE E 146 7.79 22.52 10.84
N SER E 147 8.06 22.57 9.53
CA SER E 147 8.27 23.85 8.84
C SER E 147 7.02 24.72 8.95
N ASP E 148 5.86 24.15 8.75
CA ASP E 148 4.60 24.88 8.97
C ASP E 148 4.52 25.48 10.42
N HIS E 149 4.84 24.61 11.40
CA HIS E 149 4.79 25.01 12.79
C HIS E 149 5.72 26.14 13.06
N ILE E 150 6.93 26.16 12.47
CA ILE E 150 7.87 27.21 12.72
C ILE E 150 7.32 28.57 12.18
N THR E 151 6.73 28.50 10.97
CA THR E 151 6.06 29.69 10.41
C THR E 151 5.01 30.22 11.38
N ASN E 152 4.15 29.35 11.87
CA ASN E 152 3.08 29.82 12.79
C ASN E 152 3.60 30.27 14.15
N LEU E 153 4.71 29.68 14.67
CA LEU E 153 5.23 30.16 15.89
C LEU E 153 5.82 31.52 15.75
N LYS E 154 6.49 31.83 14.62
CA LYS E 154 6.92 33.18 14.29
C LYS E 154 5.72 34.16 14.11
N ARG E 155 4.65 33.70 13.48
CA ARG E 155 3.46 34.52 13.26
C ARG E 155 2.69 34.88 14.52
N VAL E 156 2.67 34.00 15.51
CA VAL E 156 1.92 34.32 16.76
C VAL E 156 2.74 35.12 17.74
N GLY E 157 4.09 34.95 17.72
CA GLY E 157 4.97 35.67 18.67
C GLY E 157 5.03 34.98 20.04
N PRO E 158 5.79 35.63 20.93
CA PRO E 158 5.97 35.08 22.26
C PRO E 158 4.77 35.37 23.12
N GLY E 159 4.70 34.76 24.26
CA GLY E 159 3.67 35.12 25.24
C GLY E 159 2.36 34.40 24.92
N LEU E 160 1.23 35.21 24.85
CA LEU E 160 -0.08 34.71 24.52
C LEU E 160 0.01 33.93 23.25
N GLY E 161 0.78 34.41 22.26
CA GLY E 161 0.78 33.65 21.03
C GLY E 161 1.30 32.23 21.12
N GLU E 162 2.40 32.05 21.87
CA GLU E 162 2.91 30.72 22.20
C GLU E 162 1.91 29.83 22.92
N TYR E 163 1.24 30.46 23.88
CA TYR E 163 0.24 29.78 24.65
C TYR E 163 -0.90 29.25 23.77
N MET E 164 -1.37 30.10 22.86
CA MET E 164 -2.44 29.70 21.98
C MET E 164 -2.07 28.65 20.94
N PHE E 165 -0.83 28.76 20.44
CA PHE E 165 -0.34 27.72 19.56
C PHE E 165 -0.26 26.34 20.33
N ASP E 166 0.26 26.38 21.55
CA ASP E 166 0.39 25.18 22.33
C ASP E 166 -0.98 24.49 22.58
N LYS E 167 -2.01 25.32 22.85
CA LYS E 167 -3.36 24.79 22.99
C LYS E 167 -3.85 24.03 21.77
N ASN E 168 -3.54 24.65 20.63
CA ASN E 168 -3.87 24.00 19.38
C ASN E 168 -3.14 22.72 19.08
N LEU E 169 -1.87 22.67 19.49
CA LEU E 169 -1.14 21.42 19.43
C LEU E 169 -1.83 20.34 20.28
N SER E 170 -2.29 20.70 21.46
CA SER E 170 -2.98 19.76 22.32
C SER E 170 -4.27 19.24 21.67
N GLU E 171 -4.96 20.16 21.02
CA GLU E 171 -6.21 19.98 20.27
C GLU E 171 -7.44 20.25 21.03
N SER F 2 18.38 29.80 44.06
CA SER F 2 16.98 29.80 44.47
C SER F 2 16.31 28.49 44.03
N LEU F 3 15.33 28.06 44.79
CA LEU F 3 14.72 26.82 44.47
C LEU F 3 13.59 26.97 43.46
N SER F 4 13.31 25.89 42.74
CA SER F 4 12.19 25.88 41.91
C SER F 4 10.85 26.07 42.68
N ARG F 5 9.86 26.60 42.01
CA ARG F 5 8.66 27.03 42.66
C ARG F 5 7.94 25.91 43.44
N PRO F 6 7.83 24.67 42.88
CA PRO F 6 7.13 23.61 43.61
C PRO F 6 7.94 23.03 44.79
N ARG F 7 9.26 23.23 44.78
CA ARG F 7 10.09 22.37 45.56
C ARG F 7 9.75 22.53 47.09
N GLN F 8 9.62 21.36 47.74
CA GLN F 8 9.35 21.40 49.19
C GLN F 8 9.71 20.01 49.75
N ASN F 9 10.61 20.01 50.71
CA ASN F 9 11.04 18.76 51.33
C ASN F 9 11.62 17.72 50.34
N TYR F 10 12.31 18.25 49.34
CA TYR F 10 12.96 17.41 48.30
C TYR F 10 14.47 17.65 48.30
N HIS F 11 15.23 16.68 48.78
CA HIS F 11 16.64 16.90 48.97
C HIS F 11 17.40 16.77 47.61
N THR F 12 18.51 17.44 47.54
CA THR F 12 19.42 17.25 46.37
CA THR F 12 19.40 17.30 46.38
C THR F 12 19.91 15.87 46.19
N GLU F 13 20.12 15.15 47.28
CA GLU F 13 20.57 13.78 47.12
C GLU F 13 19.47 12.92 46.51
N SER F 14 18.22 13.15 46.90
CA SER F 14 17.11 12.43 46.34
C SER F 14 16.95 12.72 44.84
N GLU F 15 17.11 13.98 44.51
CA GLU F 15 17.03 14.39 43.12
C GLU F 15 18.07 13.69 42.25
N SER F 16 19.30 13.65 42.74
CA SER F 16 20.41 13.00 42.06
CA SER F 16 20.36 13.02 41.95
CA SER F 16 20.37 13.03 41.96
C SER F 16 20.16 11.52 41.89
N ALA F 17 19.68 10.88 43.02
CA ALA F 17 19.49 9.46 42.98
C ALA F 17 18.37 9.08 41.97
N VAL F 18 17.34 9.96 41.88
CA VAL F 18 16.27 9.79 40.89
C VAL F 18 16.85 9.80 39.47
N ASN F 19 17.72 10.77 39.21
CA ASN F 19 18.38 10.76 37.89
C ASN F 19 19.12 9.47 37.60
N LYS F 20 19.90 8.95 38.60
N LYS F 20 19.90 9.00 38.60
CA LYS F 20 20.66 7.70 38.42
CA LYS F 20 20.65 7.78 38.45
C LYS F 20 19.70 6.51 38.15
C LYS F 20 19.69 6.60 38.14
N GLN F 21 18.55 6.50 38.89
CA GLN F 21 17.58 5.46 38.71
C GLN F 21 16.91 5.47 37.30
N ILE F 22 16.70 6.66 36.83
CA ILE F 22 16.18 6.86 35.43
C ILE F 22 17.17 6.21 34.45
N ASN F 23 18.45 6.49 34.61
CA ASN F 23 19.45 5.85 33.70
C ASN F 23 19.45 4.33 33.75
N LEU F 24 19.40 3.80 35.02
CA LEU F 24 19.34 2.36 35.29
C LEU F 24 18.19 1.69 34.61
N GLU F 25 17.02 2.30 34.71
CA GLU F 25 15.83 1.70 34.13
C GLU F 25 15.87 1.78 32.60
N LEU F 26 16.36 2.90 32.06
CA LEU F 26 16.54 2.93 30.63
C LEU F 26 17.57 1.90 30.16
N TYR F 27 18.66 1.69 30.91
CA TYR F 27 19.59 0.65 30.61
C TYR F 27 18.96 -0.74 30.61
N ALA F 28 18.17 -0.99 31.68
CA ALA F 28 17.47 -2.24 31.77
C ALA F 28 16.55 -2.48 30.56
N SER F 29 15.82 -1.39 30.19
CA SER F 29 14.95 -1.50 29.04
C SER F 29 15.75 -1.95 27.78
N TYR F 30 16.96 -1.39 27.62
CA TYR F 30 17.85 -1.69 26.46
C TYR F 30 18.32 -3.10 26.48
N VAL F 31 18.70 -3.58 27.70
CA VAL F 31 19.14 -4.98 27.82
C VAL F 31 17.95 -5.88 27.37
N TYR F 32 16.74 -5.64 27.89
CA TYR F 32 15.61 -6.48 27.52
C TYR F 32 15.23 -6.36 26.02
N GLN F 33 15.45 -5.19 25.48
N GLN F 33 15.42 -5.20 25.45
CA GLN F 33 15.28 -4.97 24.01
CA GLN F 33 15.20 -5.07 24.00
C GLN F 33 16.22 -5.96 23.24
C GLN F 33 16.22 -5.89 23.19
N SER F 34 17.49 -5.92 23.64
CA SER F 34 18.49 -6.74 23.01
C SER F 34 18.12 -8.22 23.13
N MET F 35 17.70 -8.61 24.32
CA MET F 35 17.30 -10.00 24.55
C MET F 35 16.13 -10.37 23.64
N SER F 36 15.08 -9.55 23.67
CA SER F 36 13.91 -9.74 22.88
C SER F 36 14.17 -9.98 21.38
N ARG F 37 14.99 -9.12 20.80
CA ARG F 37 15.37 -9.24 19.39
C ARG F 37 16.12 -10.55 19.15
N TYR F 38 17.14 -10.80 19.97
CA TYR F 38 17.95 -12.06 19.85
C TYR F 38 17.07 -13.28 19.70
N PHE F 39 15.95 -13.37 20.48
CA PHE F 39 15.10 -14.52 20.44
C PHE F 39 14.24 -14.65 19.16
N ASN F 40 14.23 -13.59 18.34
CA ASN F 40 13.57 -13.68 17.06
C ASN F 40 14.61 -13.90 15.89
N ARG F 41 15.87 -14.01 16.18
CA ARG F 41 16.81 -14.47 15.15
C ARG F 41 16.31 -15.74 14.58
N ASP F 42 16.61 -15.93 13.23
CA ASP F 42 16.22 -17.21 12.58
C ASP F 42 16.85 -18.48 13.20
N ASP F 43 18.06 -18.31 13.81
CA ASP F 43 18.79 -19.43 14.37
C ASP F 43 18.54 -19.57 15.92
N VAL F 44 17.51 -18.82 16.42
CA VAL F 44 17.12 -18.91 17.79
C VAL F 44 15.66 -19.22 17.76
N ALA F 45 14.82 -18.33 17.24
CA ALA F 45 13.45 -18.61 16.86
C ALA F 45 12.54 -19.13 18.03
N LEU F 46 12.54 -18.33 19.14
CA LEU F 46 11.68 -18.65 20.26
C LEU F 46 10.73 -17.44 20.48
N LYS F 47 9.56 -17.45 19.92
CA LYS F 47 8.75 -16.26 19.91
C LYS F 47 8.15 -15.96 21.28
N GLY F 48 7.97 -16.96 22.15
CA GLY F 48 7.56 -16.68 23.48
C GLY F 48 8.53 -15.93 24.33
N PHE F 49 9.80 -16.28 24.23
CA PHE F 49 10.86 -15.53 24.90
C PHE F 49 10.95 -14.09 24.26
N HIS F 50 10.84 -14.03 22.91
CA HIS F 50 10.80 -12.76 22.21
C HIS F 50 9.71 -11.80 22.86
N LYS F 51 8.51 -12.35 23.03
CA LYS F 51 7.40 -11.58 23.55
C LYS F 51 7.62 -11.21 25.02
N TYR F 52 8.11 -12.16 25.80
CA TYR F 52 8.32 -11.96 27.23
C TYR F 52 9.28 -10.80 27.46
N PHE F 53 10.39 -10.84 26.74
CA PHE F 53 11.42 -9.81 26.93
C PHE F 53 11.00 -8.42 26.27
N LYS F 54 10.20 -8.50 25.25
CA LYS F 54 9.58 -7.25 24.73
C LYS F 54 8.75 -6.53 25.77
N LYS F 55 7.91 -7.30 26.46
CA LYS F 55 7.08 -6.75 27.53
C LYS F 55 7.98 -6.17 28.62
N ALA F 56 9.00 -6.93 29.03
CA ALA F 56 9.90 -6.48 30.00
C ALA F 56 10.54 -5.16 29.64
N SER F 57 11.00 -5.05 28.39
CA SER F 57 11.58 -3.81 27.89
C SER F 57 10.68 -2.61 27.96
N GLU F 58 9.45 -2.84 27.58
CA GLU F 58 8.47 -1.79 27.65
C GLU F 58 8.21 -1.36 29.10
N GLU F 59 8.10 -2.32 30.02
CA GLU F 59 7.81 -2.01 31.39
C GLU F 59 8.95 -1.18 31.95
N GLU F 60 10.17 -1.56 31.66
CA GLU F 60 11.28 -0.80 32.22
C GLU F 60 11.27 0.66 31.72
N ARG F 61 10.97 0.81 30.45
CA ARG F 61 10.93 2.14 29.91
C ARG F 61 9.80 2.95 30.62
N GLN F 62 8.64 2.32 30.83
CA GLN F 62 7.55 2.99 31.54
C GLN F 62 7.98 3.43 32.95
N HIS F 63 8.72 2.54 33.65
CA HIS F 63 9.16 2.95 34.95
CA HIS F 63 9.33 2.84 34.98
C HIS F 63 10.15 4.11 34.89
N ALA F 64 11.11 4.11 33.93
CA ALA F 64 11.95 5.26 33.74
C ALA F 64 11.17 6.57 33.54
N GLU F 65 10.15 6.49 32.73
CA GLU F 65 9.31 7.62 32.45
C GLU F 65 8.47 8.12 33.65
N LYS F 66 8.05 7.17 34.49
CA LYS F 66 7.36 7.52 35.73
C LYS F 66 8.33 8.30 36.62
N LEU F 67 9.61 7.89 36.67
CA LEU F 67 10.58 8.60 37.47
C LEU F 67 10.90 9.99 36.88
N MET F 68 10.93 10.12 35.54
CA MET F 68 11.10 11.44 34.89
C MET F 68 9.94 12.42 35.35
N GLU F 69 8.75 11.92 35.25
CA GLU F 69 7.61 12.72 35.65
C GLU F 69 7.69 13.09 37.12
N TYR F 70 8.06 12.13 37.95
CA TYR F 70 8.13 12.44 39.38
C TYR F 70 9.16 13.53 39.64
N GLN F 71 10.33 13.45 39.03
CA GLN F 71 11.37 14.40 39.19
C GLN F 71 10.84 15.86 38.93
N SER F 72 10.13 16.05 37.82
CA SER F 72 9.62 17.36 37.54
C SER F 72 8.46 17.76 38.46
N THR F 73 7.64 16.78 38.85
CA THR F 73 6.53 17.05 39.82
C THR F 73 7.07 17.66 41.12
N ARG F 74 8.15 17.06 41.61
CA ARG F 74 8.77 17.57 42.84
C ARG F 74 9.55 18.80 42.66
N GLY F 75 9.83 19.30 41.46
CA GLY F 75 10.61 20.47 41.23
C GLY F 75 12.10 20.22 40.96
N GLY F 76 12.48 18.92 40.88
CA GLY F 76 13.81 18.50 40.46
C GLY F 76 13.98 18.69 38.98
N ARG F 77 15.20 18.50 38.52
CA ARG F 77 15.56 18.68 37.10
C ARG F 77 16.07 17.37 36.59
N ILE F 78 15.45 16.89 35.51
CA ILE F 78 15.95 15.68 34.85
C ILE F 78 17.28 15.87 34.19
N MET F 79 18.22 15.00 34.47
CA MET F 79 19.62 15.05 33.88
C MET F 79 19.80 13.68 33.27
N LEU F 80 19.88 13.64 31.95
CA LEU F 80 20.11 12.38 31.20
C LEU F 80 21.53 12.12 30.92
N SER F 81 21.86 10.82 30.87
N SER F 81 21.92 10.84 30.92
CA SER F 81 23.21 10.37 30.54
CA SER F 81 23.26 10.44 30.50
C SER F 81 23.11 9.34 29.40
C SER F 81 23.15 9.30 29.51
N ASP F 82 24.29 8.98 28.88
CA ASP F 82 24.31 7.93 27.87
C ASP F 82 23.64 6.67 28.42
N ILE F 83 22.90 5.97 27.55
CA ILE F 83 22.33 4.66 27.84
C ILE F 83 23.37 3.67 27.28
N LYS F 84 24.09 3.05 28.21
N LYS F 84 24.16 3.10 28.17
CA LYS F 84 25.14 2.11 27.85
CA LYS F 84 25.22 2.22 27.73
C LYS F 84 24.57 0.85 27.12
C LYS F 84 24.61 0.98 27.06
N ARG F 85 25.42 0.34 26.23
CA ARG F 85 25.06 -0.85 25.48
C ARG F 85 25.17 -2.05 26.41
N PRO F 86 24.32 -3.03 26.21
CA PRO F 86 24.29 -4.26 27.06
C PRO F 86 25.65 -4.98 26.97
N GLU F 87 25.91 -5.84 27.96
CA GLU F 87 27.18 -6.51 28.03
C GLU F 87 27.39 -7.58 26.96
N ASN F 88 26.33 -8.07 26.41
CA ASN F 88 26.40 -9.08 25.37
CA ASN F 88 26.32 -9.14 25.39
C ASN F 88 25.66 -8.61 24.13
N ASP F 89 26.01 -9.27 23.03
CA ASP F 89 25.22 -9.25 21.79
C ASP F 89 24.24 -10.41 21.63
N GLU F 90 24.62 -11.58 22.13
N GLU F 90 24.66 -11.58 22.12
CA GLU F 90 23.73 -12.72 22.12
CA GLU F 90 23.85 -12.79 22.14
C GLU F 90 23.19 -12.93 23.54
C GLU F 90 23.37 -13.04 23.58
N TRP F 91 22.53 -14.05 23.77
CA TRP F 91 22.02 -14.34 25.17
C TRP F 91 21.79 -15.79 25.48
N GLY F 92 22.25 -16.72 24.60
CA GLY F 92 22.27 -18.11 24.93
C GLY F 92 20.87 -18.77 24.82
N THR F 93 20.60 -19.73 25.69
CA THR F 93 19.36 -20.47 25.75
C THR F 93 18.30 -19.66 26.46
N GLY F 94 17.08 -20.17 26.42
CA GLY F 94 16.01 -19.57 27.22
C GLY F 94 16.43 -19.54 28.69
N LEU F 95 16.91 -20.65 29.22
CA LEU F 95 17.35 -20.70 30.57
C LEU F 95 18.41 -19.69 30.92
N GLU F 96 19.44 -19.59 30.08
N GLU F 96 19.43 -19.62 30.08
CA GLU F 96 20.50 -18.57 30.29
CA GLU F 96 20.50 -18.64 30.30
C GLU F 96 19.92 -17.20 30.35
C GLU F 96 19.99 -17.22 30.32
N ALA F 97 19.07 -16.87 29.41
CA ALA F 97 18.55 -15.54 29.39
C ALA F 97 17.62 -15.25 30.60
N MET F 98 16.89 -16.21 31.09
CA MET F 98 16.12 -16.03 32.36
C MET F 98 17.03 -15.81 33.53
N GLU F 99 18.12 -16.54 33.57
CA GLU F 99 19.13 -16.25 34.62
C GLU F 99 19.70 -14.80 34.51
N THR F 100 19.98 -14.35 33.28
CA THR F 100 20.41 -12.99 33.05
C THR F 100 19.36 -12.00 33.55
N ALA F 101 18.12 -12.28 33.20
CA ALA F 101 17.01 -11.42 33.61
C ALA F 101 16.93 -11.34 35.12
N LEU F 102 17.05 -12.49 35.79
CA LEU F 102 16.94 -12.44 37.32
C LEU F 102 18.03 -11.55 37.91
N ASN F 103 19.28 -11.66 37.39
CA ASN F 103 20.35 -10.88 37.90
C ASN F 103 20.06 -9.37 37.67
N LEU F 104 19.51 -8.99 36.49
CA LEU F 104 19.21 -7.64 36.21
C LEU F 104 18.09 -7.13 37.14
N GLU F 105 17.05 -7.93 37.35
CA GLU F 105 15.93 -7.53 38.20
C GLU F 105 16.44 -7.30 39.65
N LYS F 106 17.28 -8.19 40.16
CA LYS F 106 17.82 -8.03 41.48
C LYS F 106 18.67 -6.81 41.59
N ASN F 107 19.47 -6.48 40.57
CA ASN F 107 20.28 -5.29 40.57
CA ASN F 107 20.25 -5.31 40.59
C ASN F 107 19.40 -4.00 40.60
N VAL F 108 18.35 -4.00 39.78
CA VAL F 108 17.43 -2.90 39.75
C VAL F 108 16.66 -2.82 41.13
N ASN F 109 16.31 -3.97 41.71
CA ASN F 109 15.64 -3.99 43.03
C ASN F 109 16.54 -3.36 44.10
N GLN F 110 17.82 -3.76 44.12
CA GLN F 110 18.74 -3.20 45.14
C GLN F 110 18.88 -1.69 44.99
N SER F 111 18.95 -1.18 43.72
CA SER F 111 18.96 0.23 43.48
CA SER F 111 19.00 0.25 43.52
C SER F 111 17.71 0.97 43.99
N LEU F 112 16.58 0.34 43.76
CA LEU F 112 15.27 0.84 44.30
C LEU F 112 15.27 0.93 45.82
N LEU F 113 15.75 -0.15 46.43
CA LEU F 113 15.84 -0.15 47.85
C LEU F 113 16.79 0.89 48.40
N ASP F 114 17.89 1.19 47.72
CA ASP F 114 18.81 2.24 48.09
C ASP F 114 18.18 3.62 47.89
N LEU F 115 17.34 3.76 46.83
CA LEU F 115 16.64 4.98 46.58
C LEU F 115 15.60 5.25 47.71
N HIS F 116 14.93 4.21 48.17
CA HIS F 116 14.01 4.33 49.29
C HIS F 116 14.75 4.75 50.56
N LYS F 117 15.93 4.14 50.80
CA LYS F 117 16.70 4.51 51.92
C LYS F 117 17.16 5.99 51.88
N THR F 118 17.50 6.48 50.68
CA THR F 118 17.78 7.92 50.46
C THR F 118 16.56 8.78 50.91
N ALA F 119 15.42 8.38 50.38
CA ALA F 119 14.21 9.08 50.76
C ALA F 119 13.91 9.03 52.31
N GLU F 120 14.15 7.91 52.94
CA GLU F 120 13.92 7.80 54.35
C GLU F 120 14.90 8.65 55.16
N LYS F 121 16.14 8.63 54.73
CA LYS F 121 17.20 9.40 55.40
C LYS F 121 16.84 10.90 55.43
N HIS F 122 16.31 11.39 54.31
CA HIS F 122 15.90 12.72 54.23
C HIS F 122 14.45 13.04 54.60
N VAL F 123 13.81 12.11 55.28
CA VAL F 123 12.49 12.28 55.90
C VAL F 123 11.50 12.72 54.74
N ASP F 124 11.58 12.05 53.56
CA ASP F 124 10.73 12.40 52.45
C ASP F 124 9.66 11.31 52.38
N ALA F 125 8.61 11.53 53.21
CA ALA F 125 7.57 10.55 53.26
C ALA F 125 6.79 10.26 51.96
N GLN F 126 6.59 11.36 51.24
CA GLN F 126 5.86 11.23 49.96
C GLN F 126 6.72 10.36 48.98
N MET F 127 8.03 10.62 48.92
CA MET F 127 8.87 9.81 48.04
C MET F 127 8.88 8.34 48.41
N GLN F 128 8.92 8.07 49.70
CA GLN F 128 8.93 6.73 50.15
C GLN F 128 7.68 6.00 49.62
N ASP F 129 6.52 6.62 49.86
CA ASP F 129 5.23 6.12 49.35
CA ASP F 129 5.25 6.04 49.34
C ASP F 129 5.03 5.87 47.76
N PHE F 130 5.74 6.80 47.13
CA PHE F 130 5.82 6.77 45.66
C PHE F 130 6.62 5.55 45.24
N ILE F 131 7.77 5.29 45.88
CA ILE F 131 8.65 4.21 45.52
C ILE F 131 7.98 2.84 45.85
N GLU F 132 7.37 2.75 47.07
CA GLU F 132 6.77 1.52 47.51
C GLU F 132 5.65 1.09 46.53
N GLU F 133 4.78 2.03 46.26
CA GLU F 133 3.62 1.77 45.45
C GLU F 133 3.90 1.48 44.00
N ASN F 134 4.81 2.25 43.44
CA ASN F 134 4.98 2.17 42.01
C ASN F 134 6.15 1.26 41.50
N PHE F 135 7.05 0.87 42.43
CA PHE F 135 8.22 0.11 42.03
C PHE F 135 8.43 -1.16 42.85
N LEU F 136 8.41 -1.04 44.20
CA LEU F 136 8.85 -2.17 45.03
C LEU F 136 7.98 -3.43 44.90
N ARG F 137 6.68 -3.25 44.85
CA ARG F 137 5.78 -4.40 44.74
C ARG F 137 6.02 -5.14 43.45
N GLU F 138 6.02 -4.38 42.37
N GLU F 138 6.05 -4.39 42.37
CA GLU F 138 6.22 -5.01 41.06
CA GLU F 138 6.25 -5.02 41.09
C GLU F 138 7.57 -5.85 41.03
C GLU F 138 7.58 -5.84 41.03
N GLN F 139 8.60 -5.29 41.64
CA GLN F 139 9.94 -5.94 41.59
C GLN F 139 9.91 -7.26 42.30
N VAL F 140 9.22 -7.33 43.48
CA VAL F 140 9.17 -8.62 44.24
CA VAL F 140 9.23 -8.68 44.19
C VAL F 140 8.46 -9.67 43.35
N GLU F 141 7.34 -9.21 42.69
CA GLU F 141 6.52 -10.11 41.85
C GLU F 141 7.35 -10.68 40.67
N SER F 142 8.09 -9.78 40.06
CA SER F 142 8.91 -10.14 38.90
CA SER F 142 8.87 -10.22 38.89
CA SER F 142 8.93 -10.13 38.96
C SER F 142 10.04 -11.12 39.27
N ILE F 143 10.67 -10.86 40.40
CA ILE F 143 11.74 -11.74 40.89
C ILE F 143 11.22 -13.16 41.18
N LYS F 144 10.04 -13.24 41.79
CA LYS F 144 9.40 -14.49 42.02
C LYS F 144 9.05 -15.23 40.70
N GLU F 145 8.42 -14.52 39.77
CA GLU F 145 8.01 -15.13 38.52
C GLU F 145 9.22 -15.66 37.75
N ILE F 146 10.28 -14.88 37.63
CA ILE F 146 11.47 -15.33 36.92
C ILE F 146 12.11 -16.54 37.60
N SER F 147 12.14 -16.54 38.94
CA SER F 147 12.62 -17.69 39.67
C SER F 147 11.82 -18.96 39.32
N ASP F 148 10.51 -18.79 39.21
CA ASP F 148 9.62 -19.90 38.86
C ASP F 148 9.93 -20.40 37.46
N HIS F 149 10.20 -19.47 36.56
CA HIS F 149 10.53 -19.83 35.18
C HIS F 149 11.84 -20.60 35.13
N ILE F 150 12.82 -20.21 35.93
CA ILE F 150 14.09 -20.88 35.91
C ILE F 150 14.00 -22.37 36.39
N THR F 151 13.14 -22.55 37.47
CA THR F 151 12.89 -23.94 37.96
C THR F 151 12.28 -24.74 36.84
N ASN F 152 11.27 -24.15 36.14
CA ASN F 152 10.64 -24.88 35.05
C ASN F 152 11.50 -25.12 33.82
N LEU F 153 12.38 -24.16 33.51
CA LEU F 153 13.27 -24.40 32.42
C LEU F 153 14.23 -25.51 32.71
N LYS F 154 14.77 -25.60 33.94
CA LYS F 154 15.50 -26.77 34.37
C LYS F 154 14.77 -28.10 34.35
N ARG F 155 13.51 -28.05 34.75
CA ARG F 155 12.66 -29.23 34.79
C ARG F 155 12.32 -29.78 33.40
N VAL F 156 12.12 -28.91 32.42
CA VAL F 156 11.77 -29.40 31.06
C VAL F 156 12.99 -29.86 30.27
N GLY F 157 14.14 -29.25 30.54
CA GLY F 157 15.37 -29.57 29.80
C GLY F 157 15.47 -28.89 28.43
N PRO F 158 16.57 -29.17 27.75
CA PRO F 158 16.78 -28.62 26.44
C PRO F 158 15.87 -29.26 25.39
N GLY F 159 15.85 -28.64 24.24
CA GLY F 159 15.20 -29.27 23.07
C GLY F 159 13.72 -29.13 23.13
N LEU F 160 12.98 -30.25 23.02
CA LEU F 160 11.49 -30.26 23.08
C LEU F 160 11.05 -29.47 24.33
N GLY F 161 11.75 -29.69 25.44
CA GLY F 161 11.24 -29.02 26.65
C GLY F 161 11.27 -27.52 26.57
N GLU F 162 12.34 -26.96 26.06
CA GLU F 162 12.43 -25.53 25.78
C GLU F 162 11.37 -25.03 24.84
N TYR F 163 11.13 -25.82 23.82
CA TYR F 163 10.12 -25.46 22.85
C TYR F 163 8.72 -25.39 23.52
N MET F 164 8.40 -26.38 24.34
CA MET F 164 7.10 -26.39 24.95
C MET F 164 6.94 -25.30 26.03
N PHE F 165 8.02 -25.00 26.74
CA PHE F 165 8.01 -23.85 27.69
C PHE F 165 7.72 -22.54 26.92
N ASP F 166 8.45 -22.38 25.80
CA ASP F 166 8.29 -21.19 25.02
C ASP F 166 6.86 -21.05 24.51
N LYS F 167 6.21 -22.12 24.03
CA LYS F 167 4.78 -22.05 23.63
C LYS F 167 3.86 -21.59 24.73
N ASN F 168 4.14 -22.04 25.95
CA ASN F 168 3.36 -21.57 27.09
C ASN F 168 3.59 -20.15 27.46
N LEU F 169 4.78 -19.65 27.19
CA LEU F 169 5.09 -18.25 27.44
C LEU F 169 4.25 -17.41 26.48
N SER F 170 4.16 -17.86 25.23
CA SER F 170 3.36 -17.17 24.22
C SER F 170 1.88 -17.16 24.63
N GLU F 171 1.45 -18.28 25.19
CA GLU F 171 0.15 -18.57 25.75
C GLU F 171 -0.78 -19.24 24.86
FE FE2 G . -12.86 -32.85 -14.26
FE FE2 H . -15.86 -30.24 -15.78
FE FE2 I . 8.76 1.36 -4.80
FE FE2 J . -3.55 11.84 -14.78
FE FE2 K . -6.07 8.68 -15.98
FE FE2 L . 5.90 -17.40 -5.63
FE FE2 M . 6.20 -18.15 -1.57
FE FE2 N . -19.36 31.55 -9.76
FE FE2 O . -18.85 32.31 -5.65
FE FE2 P . 12.77 8.11 12.48
FE FE2 Q . 9.92 11.28 12.69
FE FE2 R . 12.13 -1.20 36.45
FE FE S . 2.98 3.16 52.43
FE FE2 T . 10.55 -5.25 35.95
#